data_2Q2W
#
_entry.id   2Q2W
#
_cell.length_a   117.684
_cell.length_b   58.814
_cell.length_c   119.462
_cell.angle_alpha   90.000
_cell.angle_beta   93.720
_cell.angle_gamma   90.000
#
_symmetry.space_group_name_H-M   'C 1 2 1'
#
loop_
_entity.id
_entity.type
_entity.pdbx_description
1 polymer 'Beta-D-hydroxybutyrate dehydrogenase'
2 water water
#
_entity_poly.entity_id   1
_entity_poly.type   'polypeptide(L)'
_entity_poly.pdbx_seq_one_letter_code
;TLKGKTALVTGSTSGIGLGIAQVLARAGANIVLNGFGDPAPALAEIARHGVKAVHHPADLSDVAQIEALFALAEREFGGV
DILVNNAGIQHVAPVEQFPLESWDKIIALNLSAVFHGTRLALPGMRARNWGRIINIASVHGLVGSTGKAAYVAAKHGVVG
LTKVVGLETATSNVTCNAICPGWVLTPLVQKQIDDRAANGGDPLQAQHDLLAEKQPSLAFVTPEHLGELVLFLCSEAGSQ
VRGAAWNVDGGWLAQ
;
_entity_poly.pdbx_strand_id   A,B,C,D
#
# COMPACT_ATOMS: atom_id res chain seq x y z
N THR A 1 9.50 32.95 -4.40
CA THR A 1 8.39 32.03 -4.96
C THR A 1 7.02 32.01 -4.22
N LEU A 2 7.01 32.29 -2.90
CA LEU A 2 5.69 32.37 -2.17
C LEU A 2 5.27 33.76 -1.60
N LYS A 3 5.80 34.83 -2.17
CA LYS A 3 5.49 36.16 -1.73
C LYS A 3 4.00 36.44 -2.03
N GLY A 4 3.26 36.99 -1.07
CA GLY A 4 1.86 37.23 -1.27
C GLY A 4 0.96 36.05 -0.93
N LYS A 5 1.56 34.97 -0.41
CA LYS A 5 0.79 33.80 0.07
C LYS A 5 1.01 33.78 1.55
N THR A 6 -0.01 33.33 2.25
CA THR A 6 0.00 33.16 3.71
C THR A 6 0.00 31.68 4.09
N ALA A 7 1.03 31.20 4.81
CA ALA A 7 1.11 29.84 5.31
C ALA A 7 0.82 29.85 6.81
N LEU A 8 -0.08 28.96 7.21
CA LEU A 8 -0.32 28.61 8.60
C LEU A 8 0.30 27.24 8.93
N VAL A 9 1.11 27.19 9.99
CA VAL A 9 1.72 25.91 10.34
C VAL A 9 1.33 25.60 11.83
N THR A 10 0.54 24.53 12.05
CA THR A 10 0.26 24.16 13.42
C THR A 10 1.54 23.52 14.09
N GLY A 11 1.66 23.63 15.42
CA GLY A 11 2.84 23.15 16.18
C GLY A 11 4.17 23.67 15.67
N SER A 12 4.30 24.99 15.54
CA SER A 12 5.46 25.60 14.89
C SER A 12 6.20 26.58 15.77
N THR A 13 5.97 26.50 17.11
CA THR A 13 6.81 27.18 18.12
C THR A 13 8.16 26.46 18.35
N SER A 14 8.29 25.25 17.82
CA SER A 14 9.60 24.53 17.77
C SER A 14 9.61 23.33 16.84
N GLY A 15 10.72 22.54 16.90
CA GLY A 15 10.91 21.28 16.12
C GLY A 15 10.45 21.33 14.66
N ILE A 16 9.67 20.31 14.23
CA ILE A 16 9.36 20.13 12.84
C ILE A 16 8.56 21.33 12.24
N GLY A 17 7.53 21.81 12.96
CA GLY A 17 6.61 22.86 12.43
C GLY A 17 7.42 24.12 12.25
N LEU A 18 8.34 24.40 13.21
CA LEU A 18 9.15 25.63 13.08
C LEU A 18 10.08 25.53 11.86
N GLY A 19 10.76 24.37 11.68
CA GLY A 19 11.67 24.17 10.53
C GLY A 19 10.83 24.38 9.24
N ILE A 20 9.60 23.84 9.20
CA ILE A 20 8.76 23.97 7.98
C ILE A 20 8.44 25.46 7.73
N ALA A 21 7.95 26.15 8.77
CA ALA A 21 7.71 27.57 8.70
C ALA A 21 8.86 28.48 8.21
N GLN A 22 10.08 28.18 8.68
CA GLN A 22 11.32 28.83 8.32
C GLN A 22 11.60 28.73 6.82
N VAL A 23 11.44 27.56 6.23
CA VAL A 23 11.70 27.37 4.80
C VAL A 23 10.66 28.12 3.95
N LEU A 24 9.38 28.00 4.33
CA LEU A 24 8.27 28.83 3.76
C LEU A 24 8.46 30.31 3.91
N ALA A 25 8.97 30.75 5.09
CA ALA A 25 9.25 32.19 5.29
C ALA A 25 10.43 32.65 4.40
N ARG A 26 11.49 31.86 4.36
CA ARG A 26 12.63 32.08 3.47
C ARG A 26 12.16 32.20 1.99
N ALA A 27 11.18 31.39 1.61
CA ALA A 27 10.48 31.50 0.28
C ALA A 27 9.53 32.74 0.16
N GLY A 28 9.32 33.42 1.28
CA GLY A 28 8.69 34.73 1.32
C GLY A 28 7.19 34.70 1.68
N ALA A 29 6.69 33.54 2.19
CA ALA A 29 5.30 33.53 2.72
C ALA A 29 5.24 34.32 4.06
N ASN A 30 4.17 35.07 4.24
CA ASN A 30 3.77 35.48 5.58
C ASN A 30 3.36 34.24 6.37
N ILE A 31 3.52 34.33 7.71
CA ILE A 31 3.40 33.13 8.52
C ILE A 31 2.49 33.28 9.73
N VAL A 32 1.66 32.30 9.96
CA VAL A 32 0.90 32.25 11.17
C VAL A 32 1.49 31.00 11.91
N LEU A 33 2.10 31.26 13.04
CA LEU A 33 2.66 30.21 13.85
C LEU A 33 1.62 29.85 14.88
N ASN A 34 1.77 28.66 15.49
CA ASN A 34 0.86 28.23 16.54
C ASN A 34 1.59 27.25 17.45
N GLY A 35 1.19 27.12 18.70
CA GLY A 35 1.89 26.22 19.59
C GLY A 35 2.02 26.74 21.01
N PHE A 36 2.38 25.83 21.90
CA PHE A 36 2.66 26.06 23.32
C PHE A 36 4.02 26.65 23.60
N GLY A 37 4.15 27.24 24.78
CA GLY A 37 5.45 27.72 25.24
C GLY A 37 5.72 29.10 24.67
N ASP A 38 6.91 29.60 24.94
CA ASP A 38 7.32 30.94 24.50
C ASP A 38 7.32 31.03 22.99
N PRO A 39 6.48 31.93 22.40
CA PRO A 39 6.47 32.00 20.93
C PRO A 39 7.59 32.91 20.36
N ALA A 40 8.28 33.65 21.24
CA ALA A 40 9.22 34.69 20.83
C ALA A 40 10.43 34.16 20.00
N PRO A 41 11.09 33.06 20.48
CA PRO A 41 12.11 32.43 19.66
C PRO A 41 11.56 32.08 18.26
N ALA A 42 10.36 31.52 18.18
CA ALA A 42 9.85 31.11 16.87
C ALA A 42 9.57 32.38 16.01
N LEU A 43 8.92 33.37 16.61
CA LEU A 43 8.70 34.64 15.93
C LEU A 43 10.02 35.27 15.46
N ALA A 44 11.10 35.18 16.29
CA ALA A 44 12.36 35.82 15.91
C ALA A 44 13.02 35.11 14.70
N GLU A 45 12.89 33.78 14.60
CA GLU A 45 13.44 33.04 13.46
C GLU A 45 12.75 33.40 12.15
N ILE A 46 11.44 33.58 12.21
CA ILE A 46 10.67 34.02 11.03
C ILE A 46 11.09 35.40 10.53
N ALA A 47 11.31 36.33 11.45
CA ALA A 47 11.48 37.74 11.11
C ALA A 47 12.84 37.98 10.50
N ARG A 48 13.81 37.11 10.81
CA ARG A 48 15.10 37.10 10.12
C ARG A 48 14.95 36.91 8.61
N HIS A 49 13.83 36.32 8.18
CA HIS A 49 13.51 36.18 6.77
C HIS A 49 12.81 37.37 6.11
N GLY A 50 12.27 38.32 6.92
CA GLY A 50 11.75 39.56 6.40
C GLY A 50 10.33 39.39 5.87
N VAL A 51 9.54 38.54 6.51
CA VAL A 51 8.12 38.32 6.17
C VAL A 51 7.40 38.69 7.47
N LYS A 52 6.09 38.93 7.39
CA LYS A 52 5.28 39.27 8.56
C LYS A 52 4.92 37.94 9.25
N ALA A 53 4.79 37.94 10.57
CA ALA A 53 4.46 36.68 11.27
C ALA A 53 3.58 37.04 12.48
N VAL A 54 2.67 36.14 12.86
CA VAL A 54 1.89 36.26 14.10
C VAL A 54 1.81 34.88 14.75
N HIS A 55 1.53 34.84 16.03
CA HIS A 55 1.39 33.59 16.71
C HIS A 55 0.03 33.47 17.41
N HIS A 56 -0.50 32.27 17.41
CA HIS A 56 -1.70 32.05 18.18
C HIS A 56 -1.45 30.81 18.98
N PRO A 57 -1.79 30.85 20.28
CA PRO A 57 -1.57 29.72 21.18
C PRO A 57 -2.60 28.56 21.18
N ALA A 58 -3.62 28.59 20.30
CA ALA A 58 -4.69 27.58 20.26
C ALA A 58 -4.18 26.19 20.64
N ASP A 59 -4.88 25.62 21.63
CA ASP A 59 -4.89 24.19 21.92
C ASP A 59 -5.83 23.46 20.92
N LEU A 60 -5.19 22.61 20.12
CA LEU A 60 -5.82 22.02 18.94
C LEU A 60 -6.73 20.85 19.23
N SER A 61 -6.75 20.44 20.50
CA SER A 61 -7.74 19.50 21.03
C SER A 61 -9.03 20.27 21.39
N ASP A 62 -8.98 21.60 21.34
CA ASP A 62 -10.19 22.43 21.51
C ASP A 62 -10.67 23.03 20.18
N VAL A 63 -11.83 22.61 19.69
CA VAL A 63 -12.35 23.11 18.40
C VAL A 63 -12.51 24.67 18.31
N ALA A 64 -13.08 25.30 19.33
CA ALA A 64 -13.21 26.75 19.42
C ALA A 64 -11.88 27.47 19.35
N GLN A 65 -10.80 26.88 19.85
CA GLN A 65 -9.54 27.56 19.83
C GLN A 65 -8.92 27.46 18.42
N ILE A 66 -9.05 26.29 17.78
CA ILE A 66 -8.70 26.24 16.38
C ILE A 66 -9.54 27.20 15.51
N GLU A 67 -10.85 27.33 15.75
CA GLU A 67 -11.58 28.37 15.05
C GLU A 67 -11.02 29.81 15.32
N ALA A 68 -10.64 30.16 16.58
CA ALA A 68 -9.93 31.42 16.87
C ALA A 68 -8.62 31.55 16.10
N LEU A 69 -7.86 30.46 16.04
CA LEU A 69 -6.60 30.49 15.26
C LEU A 69 -6.85 30.90 13.77
N PHE A 70 -7.81 30.26 13.13
CA PHE A 70 -8.21 30.64 11.73
C PHE A 70 -8.82 32.05 11.64
N ALA A 71 -9.62 32.48 12.63
CA ALA A 71 -10.03 33.91 12.68
C ALA A 71 -8.86 34.86 12.75
N LEU A 72 -7.81 34.53 13.51
CA LEU A 72 -6.66 35.41 13.52
C LEU A 72 -5.94 35.48 12.17
N ALA A 73 -5.69 34.33 11.53
CA ALA A 73 -5.26 34.21 10.11
C ALA A 73 -6.09 35.07 9.12
N GLU A 74 -7.41 35.01 9.27
CA GLU A 74 -8.27 35.81 8.43
C GLU A 74 -8.12 37.33 8.65
N ARG A 75 -8.06 37.75 9.91
CA ARG A 75 -7.98 39.17 10.33
C ARG A 75 -6.61 39.75 9.95
N GLU A 76 -5.57 38.99 10.18
CA GLU A 76 -4.23 39.50 9.99
C GLU A 76 -3.82 39.59 8.51
N PHE A 77 -4.16 38.55 7.74
CA PHE A 77 -3.63 38.24 6.41
C PHE A 77 -4.71 38.01 5.36
N GLY A 78 -5.96 37.97 5.78
CA GLY A 78 -7.02 37.71 4.82
C GLY A 78 -7.18 36.21 4.56
N GLY A 79 -6.60 35.36 5.37
CA GLY A 79 -6.84 33.92 5.19
C GLY A 79 -5.61 33.16 4.77
N VAL A 80 -5.75 31.83 4.80
CA VAL A 80 -4.69 30.88 4.68
C VAL A 80 -4.63 30.24 3.27
N ASP A 81 -3.50 30.40 2.58
CA ASP A 81 -3.26 29.81 1.23
C ASP A 81 -2.61 28.42 1.33
N ILE A 82 -1.74 28.27 2.31
CA ILE A 82 -0.93 27.07 2.54
C ILE A 82 -1.19 26.69 3.98
N LEU A 83 -1.85 25.55 4.18
CA LEU A 83 -2.06 25.00 5.51
C LEU A 83 -1.18 23.77 5.72
N VAL A 84 -0.30 23.84 6.74
CA VAL A 84 0.47 22.71 7.14
C VAL A 84 -0.07 22.19 8.49
N ASN A 85 -0.74 21.06 8.46
CA ASN A 85 -1.21 20.42 9.66
C ASN A 85 -0.13 19.51 10.24
N ASN A 86 0.54 20.06 11.24
CA ASN A 86 1.71 19.47 11.75
C ASN A 86 1.54 18.97 13.18
N ALA A 87 0.80 19.70 13.99
CA ALA A 87 0.91 19.47 15.42
C ALA A 87 0.79 17.96 15.76
N GLY A 88 1.76 17.40 16.49
CA GLY A 88 1.68 15.97 16.90
C GLY A 88 1.87 15.69 18.38
N ILE A 89 1.14 14.73 18.94
CA ILE A 89 1.34 14.24 20.30
C ILE A 89 1.46 12.71 20.33
N GLN A 90 2.23 12.20 21.29
CA GLN A 90 2.61 10.77 21.36
C GLN A 90 2.40 10.20 22.78
N HIS A 91 2.04 8.90 22.87
CA HIS A 91 2.08 8.09 24.13
C HIS A 91 2.31 6.57 23.86
N VAL A 92 3.31 5.97 24.54
CA VAL A 92 3.67 4.54 24.36
C VAL A 92 3.29 3.65 25.55
N ALA A 93 2.39 2.69 25.30
CA ALA A 93 1.84 1.72 26.27
C ALA A 93 1.32 0.52 25.46
N PRO A 94 1.33 -0.73 26.01
CA PRO A 94 0.60 -1.77 25.28
C PRO A 94 -0.88 -1.37 25.18
N VAL A 95 -1.57 -1.84 24.14
CA VAL A 95 -2.95 -1.39 23.81
C VAL A 95 -3.92 -1.51 25.02
N GLU A 96 -3.90 -2.67 25.70
CA GLU A 96 -4.74 -2.89 26.87
C GLU A 96 -4.21 -2.15 28.12
N GLN A 97 -3.19 -1.31 27.98
CA GLN A 97 -2.67 -0.51 29.11
C GLN A 97 -2.57 0.99 28.73
N PHE A 98 -3.13 1.34 27.58
CA PHE A 98 -3.12 2.68 27.05
C PHE A 98 -4.15 3.49 27.84
N PRO A 99 -3.72 4.55 28.53
CA PRO A 99 -4.76 5.45 29.13
C PRO A 99 -5.89 5.84 28.12
N LEU A 100 -7.13 5.63 28.54
CA LEU A 100 -8.29 6.14 27.77
C LEU A 100 -8.17 7.63 27.48
N GLU A 101 -7.59 8.37 28.43
CA GLU A 101 -7.49 9.83 28.31
C GLU A 101 -6.49 10.16 27.22
N SER A 102 -5.46 9.34 27.16
CA SER A 102 -4.41 9.65 26.22
C SER A 102 -4.82 9.14 24.84
N TRP A 103 -5.58 8.04 24.76
CA TRP A 103 -6.23 7.68 23.48
C TRP A 103 -7.07 8.91 22.93
N ASP A 104 -7.94 9.52 23.75
CA ASP A 104 -8.78 10.62 23.24
C ASP A 104 -7.94 11.84 22.83
N LYS A 105 -6.87 12.16 23.59
CA LYS A 105 -6.04 13.34 23.25
C LYS A 105 -5.17 13.12 21.98
N ILE A 106 -4.63 11.92 21.82
CA ILE A 106 -3.89 11.66 20.59
C ILE A 106 -4.82 11.76 19.36
N ILE A 107 -5.99 11.16 19.43
CA ILE A 107 -6.93 11.21 18.30
C ILE A 107 -7.27 12.70 18.01
N ALA A 108 -7.61 13.46 19.06
CA ALA A 108 -8.08 14.83 18.94
C ALA A 108 -7.09 15.73 18.21
N LEU A 109 -5.84 15.62 18.61
CA LEU A 109 -4.73 16.42 18.14
C LEU A 109 -4.12 15.95 16.82
N ASN A 110 -3.86 14.63 16.72
CA ASN A 110 -3.17 14.10 15.55
C ASN A 110 -4.14 13.81 14.42
N LEU A 111 -5.41 13.68 14.75
CA LEU A 111 -6.36 13.34 13.69
C LEU A 111 -7.46 14.36 13.57
N SER A 112 -8.26 14.53 14.61
CA SER A 112 -9.43 15.36 14.40
C SER A 112 -9.06 16.81 14.12
N ALA A 113 -7.93 17.29 14.68
CA ALA A 113 -7.44 18.68 14.39
C ALA A 113 -7.18 18.96 12.91
N VAL A 114 -6.74 17.90 12.23
CA VAL A 114 -6.52 17.92 10.79
C VAL A 114 -7.87 18.16 9.99
N PHE A 115 -8.95 17.44 10.37
CA PHE A 115 -10.29 17.70 9.83
C PHE A 115 -10.73 19.15 10.05
N HIS A 116 -10.54 19.68 11.26
CA HIS A 116 -10.89 21.06 11.58
C HIS A 116 -10.05 22.11 10.86
N GLY A 117 -8.77 21.96 10.89
CA GLY A 117 -7.89 22.80 10.07
C GLY A 117 -8.45 22.85 8.66
N THR A 118 -8.59 21.67 8.04
CA THR A 118 -8.95 21.55 6.65
C THR A 118 -10.29 22.20 6.28
N ARG A 119 -11.29 22.01 7.16
CA ARG A 119 -12.62 22.43 6.84
C ARG A 119 -12.66 23.97 6.92
N LEU A 120 -11.87 24.51 7.85
CA LEU A 120 -11.78 25.98 8.04
C LEU A 120 -10.97 26.74 6.91
N ALA A 121 -9.94 26.10 6.35
CA ALA A 121 -9.05 26.73 5.33
C ALA A 121 -9.67 26.56 3.94
N LEU A 122 -10.39 25.46 3.73
CA LEU A 122 -10.71 25.09 2.34
C LEU A 122 -11.73 26.01 1.60
N PRO A 123 -12.74 26.56 2.33
CA PRO A 123 -13.59 27.52 1.62
C PRO A 123 -12.77 28.73 1.02
N GLY A 124 -11.79 29.31 1.73
CA GLY A 124 -11.02 30.51 1.23
C GLY A 124 -10.12 30.12 0.08
N MET A 125 -9.50 28.92 0.20
CA MET A 125 -8.67 28.36 -0.91
C MET A 125 -9.53 28.15 -2.17
N ARG A 126 -10.74 27.58 -2.01
CA ARG A 126 -11.63 27.45 -3.23
C ARG A 126 -12.04 28.81 -3.78
N ALA A 127 -12.56 29.75 -2.92
CA ALA A 127 -12.85 31.11 -3.37
C ALA A 127 -11.73 31.78 -4.24
N ARG A 128 -10.48 31.61 -3.82
CA ARG A 128 -9.35 32.27 -4.45
C ARG A 128 -8.69 31.43 -5.59
N ASN A 129 -9.32 30.27 -5.92
CA ASN A 129 -8.78 29.09 -6.70
C ASN A 129 -7.27 28.90 -6.67
N TRP A 130 -6.77 28.68 -5.45
CA TRP A 130 -5.39 28.30 -5.22
C TRP A 130 -5.27 27.85 -3.80
N GLY A 131 -4.74 26.66 -3.55
CA GLY A 131 -4.41 26.29 -2.18
C GLY A 131 -3.56 25.07 -2.07
N ARG A 132 -2.95 24.91 -0.90
CA ARG A 132 -2.16 23.74 -0.58
C ARG A 132 -2.48 23.39 0.88
N ILE A 133 -2.89 22.15 1.13
CA ILE A 133 -2.99 21.62 2.44
C ILE A 133 -2.03 20.51 2.49
N ILE A 134 -1.12 20.54 3.48
CA ILE A 134 -0.11 19.49 3.60
C ILE A 134 -0.13 18.94 5.03
N ASN A 135 -0.46 17.66 5.14
CA ASN A 135 -0.59 17.04 6.46
C ASN A 135 0.67 16.32 6.86
N ILE A 136 1.25 16.70 7.97
CA ILE A 136 2.48 15.97 8.39
C ILE A 136 2.00 14.78 9.22
N ALA A 137 2.05 13.59 8.62
CA ALA A 137 1.49 12.32 9.15
C ALA A 137 2.74 11.64 9.74
N SER A 138 3.08 10.42 9.28
CA SER A 138 4.24 9.71 9.83
C SER A 138 4.37 8.43 9.01
N VAL A 139 5.49 7.68 9.13
CA VAL A 139 5.55 6.28 8.59
C VAL A 139 4.44 5.49 9.29
N HIS A 140 4.13 5.92 10.53
CA HIS A 140 3.00 5.34 11.31
C HIS A 140 1.56 5.62 10.81
N GLY A 141 1.46 6.41 9.75
CA GLY A 141 0.25 6.43 8.93
C GLY A 141 0.18 5.33 7.87
N LEU A 142 1.27 4.57 7.71
CA LEU A 142 1.41 3.46 6.70
C LEU A 142 1.60 2.04 7.26
N VAL A 143 2.37 1.93 8.35
CA VAL A 143 2.67 0.68 9.12
C VAL A 143 2.41 0.89 10.61
N GLY A 144 2.31 -0.23 11.36
CA GLY A 144 2.35 -0.21 12.81
C GLY A 144 3.74 -0.34 13.52
N SER A 145 3.75 -0.11 14.83
CA SER A 145 4.81 -0.42 15.77
C SER A 145 4.09 -0.72 17.06
N THR A 146 4.73 -1.55 17.88
CA THR A 146 4.20 -1.89 19.23
C THR A 146 4.21 -0.63 20.08
N GLY A 147 3.23 -0.54 20.99
CA GLY A 147 3.16 0.55 21.95
C GLY A 147 2.48 1.78 21.46
N LYS A 148 2.11 1.79 20.19
CA LYS A 148 1.70 3.01 19.56
C LYS A 148 0.28 2.95 18.99
N ALA A 149 -0.61 2.25 19.62
CA ALA A 149 -1.95 2.12 19.07
C ALA A 149 -2.63 3.45 18.68
N ALA A 150 -2.68 4.43 19.60
CA ALA A 150 -3.34 5.70 19.29
C ALA A 150 -2.68 6.47 18.17
N TYR A 151 -1.38 6.53 18.21
CA TYR A 151 -0.67 7.35 17.25
C TYR A 151 -0.76 6.78 15.84
N VAL A 152 -0.58 5.45 15.76
CA VAL A 152 -0.72 4.73 14.52
C VAL A 152 -2.17 4.87 13.97
N ALA A 153 -3.22 4.73 14.81
CA ALA A 153 -4.60 4.87 14.37
C ALA A 153 -4.83 6.31 13.81
N ALA A 154 -4.35 7.33 14.56
CA ALA A 154 -4.53 8.74 14.20
C ALA A 154 -3.85 9.12 12.86
N LYS A 155 -2.61 8.69 12.72
CA LYS A 155 -1.82 9.07 11.53
C LYS A 155 -2.27 8.30 10.30
N HIS A 156 -2.77 7.08 10.49
CA HIS A 156 -3.42 6.35 9.42
C HIS A 156 -4.72 7.06 9.02
N GLY A 157 -5.49 7.49 10.01
CA GLY A 157 -6.65 8.31 9.72
C GLY A 157 -6.30 9.54 8.92
N VAL A 158 -5.17 10.18 9.26
CA VAL A 158 -4.70 11.32 8.45
C VAL A 158 -4.41 11.00 6.99
N VAL A 159 -3.78 9.85 6.76
CA VAL A 159 -3.38 9.44 5.39
C VAL A 159 -4.74 9.18 4.69
N GLY A 160 -5.77 8.66 5.40
CA GLY A 160 -7.06 8.44 4.70
C GLY A 160 -7.84 9.68 4.38
N LEU A 161 -8.00 10.52 5.40
CA LEU A 161 -8.43 11.88 5.24
C LEU A 161 -7.74 12.63 4.06
N THR A 162 -6.41 12.59 3.95
CA THR A 162 -5.75 13.24 2.84
C THR A 162 -6.27 12.76 1.45
N LYS A 163 -6.50 11.45 1.29
CA LYS A 163 -7.03 10.92 0.06
C LYS A 163 -8.41 11.53 -0.29
N VAL A 164 -9.32 11.61 0.70
CA VAL A 164 -10.67 12.14 0.48
C VAL A 164 -10.54 13.59 0.02
N VAL A 165 -9.74 14.34 0.75
CA VAL A 165 -9.56 15.78 0.40
C VAL A 165 -8.90 15.98 -0.96
N GLY A 166 -7.79 15.27 -1.20
CA GLY A 166 -7.19 15.16 -2.60
C GLY A 166 -8.22 14.95 -3.70
N LEU A 167 -9.12 13.97 -3.49
CA LEU A 167 -10.19 13.66 -4.39
C LEU A 167 -11.25 14.79 -4.49
N GLU A 168 -11.68 15.40 -3.39
CA GLU A 168 -12.70 16.38 -3.39
C GLU A 168 -12.27 17.68 -4.07
N THR A 169 -10.97 17.88 -4.05
CA THR A 169 -10.36 19.07 -4.62
C THR A 169 -9.69 18.75 -5.93
N ALA A 170 -9.86 17.53 -6.46
CA ALA A 170 -9.06 17.17 -7.64
C ALA A 170 -9.30 18.13 -8.83
N THR A 171 -10.54 18.59 -8.98
CA THR A 171 -10.88 19.43 -10.13
C THR A 171 -10.66 20.94 -9.88
N SER A 172 -9.82 21.28 -8.92
CA SER A 172 -9.59 22.67 -8.58
C SER A 172 -8.02 22.86 -8.52
N ASN A 173 -7.55 24.09 -8.27
CA ASN A 173 -6.13 24.37 -8.04
C ASN A 173 -5.73 24.25 -6.54
N VAL A 174 -6.61 23.65 -5.74
CA VAL A 174 -6.33 23.29 -4.39
C VAL A 174 -5.88 21.86 -4.40
N THR A 175 -4.72 21.57 -3.79
CA THR A 175 -4.32 20.21 -3.51
C THR A 175 -4.21 19.89 -2.00
N CYS A 176 -4.30 18.60 -1.66
CA CYS A 176 -4.14 18.14 -0.31
C CYS A 176 -3.30 16.89 -0.38
N ASN A 177 -2.15 16.86 0.34
CA ASN A 177 -1.25 15.68 0.43
C ASN A 177 -0.73 15.53 1.84
N ALA A 178 -0.06 14.40 2.11
CA ALA A 178 0.51 14.11 3.41
C ALA A 178 1.97 13.85 3.23
N ILE A 179 2.75 14.31 4.21
CA ILE A 179 4.14 13.81 4.30
C ILE A 179 4.28 12.87 5.50
N CYS A 180 4.99 11.74 5.29
CA CYS A 180 5.23 10.65 6.25
C CYS A 180 6.71 10.46 6.66
N PRO A 181 7.19 11.24 7.63
CA PRO A 181 8.57 11.12 8.10
C PRO A 181 8.78 9.93 9.04
N GLY A 182 10.01 9.40 9.02
CA GLY A 182 10.43 8.45 9.99
C GLY A 182 11.00 9.19 11.18
N TRP A 183 12.12 8.70 11.73
CA TRP A 183 12.74 9.39 12.82
C TRP A 183 13.25 10.73 12.37
N VAL A 184 12.79 11.81 13.04
CA VAL A 184 13.19 13.20 12.78
C VAL A 184 14.06 13.71 13.90
N LEU A 185 15.18 14.33 13.57
CA LEU A 185 16.00 15.00 14.58
C LEU A 185 15.30 16.28 15.06
N THR A 186 14.53 16.11 16.13
CA THR A 186 13.90 17.24 16.86
C THR A 186 14.69 17.66 18.11
N PRO A 187 14.52 18.94 18.57
CA PRO A 187 15.08 19.39 19.84
C PRO A 187 14.88 18.34 20.98
N LEU A 188 13.65 17.75 21.04
CA LEU A 188 13.28 16.72 22.04
C LEU A 188 14.13 15.47 21.90
N VAL A 189 14.29 15.00 20.66
CA VAL A 189 15.21 13.88 20.39
C VAL A 189 16.69 14.22 20.57
N GLN A 190 17.07 15.48 20.43
CA GLN A 190 18.44 15.83 20.79
C GLN A 190 18.64 15.82 22.31
N LYS A 191 17.56 16.07 23.06
CA LYS A 191 17.55 15.98 24.53
C LYS A 191 17.68 14.54 25.02
N GLN A 192 17.10 13.59 24.28
CA GLN A 192 17.33 12.16 24.48
C GLN A 192 18.82 11.82 24.35
N ILE A 193 19.40 12.25 23.24
CA ILE A 193 20.75 11.87 22.81
C ILE A 193 21.87 12.54 23.65
N ASP A 194 21.69 13.82 23.95
CA ASP A 194 22.67 14.60 24.72
C ASP A 194 22.69 14.18 26.21
N ASP A 195 21.66 13.42 26.62
CA ASP A 195 21.59 12.79 27.93
C ASP A 195 22.41 11.50 27.94
N ARG A 196 22.54 10.88 26.76
CA ARG A 196 23.45 9.74 26.58
C ARG A 196 24.94 10.15 26.65
N ASN A 199 25.67 10.99 29.05
CA ASN A 199 26.01 10.45 30.39
C ASN A 199 27.40 9.78 30.43
N GLY A 200 27.90 9.40 29.25
CA GLY A 200 29.13 8.64 29.11
C GLY A 200 29.35 7.96 27.74
N GLY A 201 28.23 7.79 26.98
CA GLY A 201 28.28 6.96 25.74
C GLY A 201 28.95 7.56 24.49
N ASP A 202 28.62 6.82 23.31
CA ASP A 202 29.17 7.29 21.99
C ASP A 202 28.01 7.89 21.14
N PRO A 203 28.12 9.25 20.87
CA PRO A 203 26.99 9.99 20.26
C PRO A 203 26.58 9.23 18.99
N LEU A 204 27.60 8.66 18.33
CA LEU A 204 27.40 7.98 17.06
C LEU A 204 26.68 6.64 17.23
N GLN A 205 27.17 5.79 18.12
CA GLN A 205 26.50 4.51 18.20
C GLN A 205 25.19 4.52 19.04
N ALA A 206 24.88 5.63 19.75
CA ALA A 206 23.56 5.84 20.37
C ALA A 206 22.43 6.23 19.39
N GLN A 207 22.78 7.03 18.37
CA GLN A 207 21.88 7.34 17.24
C GLN A 207 21.61 6.05 16.49
N HIS A 208 22.69 5.34 16.17
CA HIS A 208 22.70 4.00 15.59
C HIS A 208 21.84 3.00 16.32
N ASP A 209 21.98 2.90 17.64
CA ASP A 209 21.11 1.96 18.37
C ASP A 209 19.64 2.42 18.42
N LEU A 210 19.42 3.73 18.49
CA LEU A 210 18.06 4.25 18.42
C LEU A 210 17.44 3.93 17.05
N LEU A 211 18.16 4.17 15.97
CA LEU A 211 17.60 3.97 14.61
C LEU A 211 17.69 2.56 13.98
N ALA A 212 18.62 1.71 14.43
CA ALA A 212 18.96 0.42 13.78
C ALA A 212 17.72 -0.36 13.35
N GLU A 213 16.77 -0.47 14.27
CA GLU A 213 15.65 -1.38 14.07
C GLU A 213 14.66 -0.94 12.98
N LYS A 214 14.40 0.36 12.84
CA LYS A 214 13.27 0.86 11.98
C LYS A 214 13.75 1.61 10.70
N GLN A 215 14.95 2.20 10.81
CA GLN A 215 15.38 3.20 9.83
C GLN A 215 16.75 2.78 9.34
N PRO A 216 16.81 1.92 8.27
CA PRO A 216 18.14 1.31 7.85
C PRO A 216 19.23 2.34 7.55
N SER A 217 18.85 3.60 7.23
CA SER A 217 19.90 4.62 7.00
C SER A 217 20.74 5.01 8.18
N LEU A 218 20.23 4.79 9.40
CA LEU A 218 20.82 5.17 10.70
C LEU A 218 21.11 6.69 10.74
N ALA A 219 20.36 7.43 9.93
CA ALA A 219 20.47 8.89 9.86
C ALA A 219 19.07 9.51 9.93
N PHE A 220 19.00 10.66 10.58
CA PHE A 220 17.74 11.40 10.79
C PHE A 220 17.28 12.15 9.54
N VAL A 221 15.97 12.19 9.35
CA VAL A 221 15.30 13.26 8.63
C VAL A 221 15.41 14.51 9.50
N THR A 222 15.74 15.63 8.89
CA THR A 222 15.75 16.93 9.57
C THR A 222 14.44 17.74 9.24
N PRO A 223 13.98 18.62 10.19
CA PRO A 223 12.84 19.51 9.97
C PRO A 223 12.97 20.33 8.72
N GLU A 224 14.22 20.63 8.39
CA GLU A 224 14.56 21.43 7.24
C GLU A 224 14.34 20.58 5.96
N HIS A 225 14.66 19.28 5.96
CA HIS A 225 14.32 18.40 4.78
C HIS A 225 12.84 18.44 4.53
N LEU A 226 12.07 18.33 5.62
CA LEU A 226 10.61 18.38 5.57
C LEU A 226 10.04 19.71 5.01
N GLY A 227 10.64 20.85 5.41
CA GLY A 227 10.20 22.17 4.96
C GLY A 227 10.46 22.29 3.47
N GLU A 228 11.60 21.74 3.02
CA GLU A 228 11.90 21.72 1.59
C GLU A 228 10.90 20.89 0.73
N LEU A 229 10.37 19.80 1.27
CA LEU A 229 9.36 19.05 0.56
C LEU A 229 8.00 19.78 0.56
N VAL A 230 7.65 20.31 1.74
CA VAL A 230 6.52 21.20 1.77
C VAL A 230 6.61 22.26 0.67
N LEU A 231 7.73 22.98 0.59
CA LEU A 231 7.92 23.95 -0.42
C LEU A 231 7.79 23.35 -1.84
N PHE A 232 8.48 22.22 -2.11
CA PHE A 232 8.15 21.50 -3.37
C PHE A 232 6.64 21.36 -3.68
N LEU A 233 5.88 20.93 -2.66
CA LEU A 233 4.47 20.58 -2.85
C LEU A 233 3.65 21.84 -3.17
N CYS A 234 4.16 22.96 -2.66
CA CYS A 234 3.66 24.25 -2.99
C CYS A 234 4.00 24.81 -4.38
N SER A 235 4.93 24.22 -5.16
CA SER A 235 5.29 24.80 -6.46
C SER A 235 4.26 24.35 -7.53
N GLU A 236 4.38 24.95 -8.71
CA GLU A 236 3.62 24.48 -9.91
C GLU A 236 3.78 22.95 -10.17
N ALA A 237 4.95 22.37 -9.88
CA ALA A 237 5.28 20.91 -9.98
C ALA A 237 4.48 20.00 -9.04
N GLY A 238 3.98 20.59 -7.96
CA GLY A 238 3.09 19.84 -7.07
C GLY A 238 1.63 20.03 -7.47
N SER A 239 1.36 20.71 -8.58
CA SER A 239 -0.07 20.99 -9.01
C SER A 239 -0.97 19.75 -9.22
N GLN A 240 -0.36 18.61 -9.59
CA GLN A 240 -1.11 17.40 -9.88
C GLN A 240 -0.64 16.29 -8.87
N VAL A 241 0.04 16.67 -7.76
CA VAL A 241 0.30 15.74 -6.67
C VAL A 241 -0.99 15.94 -5.87
N ARG A 242 -1.78 14.87 -5.69
CA ARG A 242 -3.15 14.96 -5.12
C ARG A 242 -3.58 13.70 -4.37
N GLY A 243 -3.86 13.89 -3.08
CA GLY A 243 -4.27 12.83 -2.20
C GLY A 243 -3.11 11.86 -1.93
N ALA A 244 -1.88 12.34 -2.00
CA ALA A 244 -0.73 11.43 -1.89
C ALA A 244 -0.13 11.35 -0.47
N ALA A 245 0.62 10.28 -0.18
CA ALA A 245 1.31 10.21 1.12
C ALA A 245 2.77 9.83 0.90
N TRP A 246 3.66 10.83 0.84
CA TRP A 246 5.02 10.55 0.47
C TRP A 246 5.83 10.45 1.74
N ASN A 247 6.58 9.36 1.83
CA ASN A 247 7.45 9.04 2.92
C ASN A 247 8.86 9.50 2.72
N VAL A 248 9.39 10.04 3.82
CA VAL A 248 10.76 10.51 3.98
C VAL A 248 11.28 9.84 5.29
N ASP A 249 11.95 8.69 5.11
CA ASP A 249 12.07 7.80 6.19
C ASP A 249 13.31 6.92 6.27
N GLY A 250 14.40 7.31 5.55
CA GLY A 250 15.66 6.53 5.50
C GLY A 250 15.56 5.00 5.22
N GLY A 251 14.53 4.66 4.44
CA GLY A 251 14.19 3.28 4.12
C GLY A 251 13.19 2.57 5.04
N TRP A 252 12.57 3.25 6.01
CA TRP A 252 11.61 2.53 6.89
C TRP A 252 10.54 1.66 6.17
N LEU A 253 9.80 2.28 5.22
CA LEU A 253 8.71 1.60 4.62
C LEU A 253 9.20 0.56 3.56
N ALA A 254 10.46 0.69 3.11
CA ALA A 254 11.02 -0.18 2.03
C ALA A 254 11.22 -1.66 2.42
N GLN A 255 11.46 -1.88 3.71
CA GLN A 255 11.48 -3.25 4.28
C GLN A 255 10.12 -3.70 4.96
N THR B 1 23.98 24.37 -8.59
CA THR B 1 23.31 23.40 -7.61
C THR B 1 23.39 21.92 -8.00
N LEU B 2 23.38 21.58 -9.30
CA LEU B 2 23.95 20.26 -9.75
C LEU B 2 25.24 20.41 -10.60
N LYS B 3 25.80 21.63 -10.68
CA LYS B 3 27.03 21.83 -11.46
C LYS B 3 28.07 20.90 -10.90
N GLY B 4 28.82 20.24 -11.77
CA GLY B 4 29.80 19.26 -11.35
C GLY B 4 29.20 17.86 -11.32
N LYS B 5 27.86 17.74 -11.34
CA LYS B 5 27.22 16.40 -11.40
C LYS B 5 26.94 16.06 -12.89
N THR B 6 26.90 14.75 -13.11
CA THR B 6 26.53 14.17 -14.40
C THR B 6 25.26 13.28 -14.28
N ALA B 7 24.23 13.59 -15.08
CA ALA B 7 23.02 12.81 -15.14
C ALA B 7 22.94 12.05 -16.46
N LEU B 8 22.51 10.81 -16.34
CA LEU B 8 22.18 10.02 -17.52
C LEU B 8 20.71 9.77 -17.47
N VAL B 9 20.00 10.22 -18.51
CA VAL B 9 18.57 9.91 -18.66
C VAL B 9 18.27 8.95 -19.84
N THR B 10 17.60 7.82 -19.55
CA THR B 10 17.24 6.88 -20.60
C THR B 10 15.94 7.36 -21.27
N GLY B 11 15.78 7.12 -22.57
CA GLY B 11 14.59 7.58 -23.28
C GLY B 11 14.46 9.09 -23.26
N SER B 12 15.54 9.77 -23.61
CA SER B 12 15.59 11.21 -23.41
C SER B 12 15.77 11.97 -24.68
N THR B 13 15.60 11.31 -25.82
CA THR B 13 15.57 11.98 -27.11
C THR B 13 14.30 12.78 -27.28
N SER B 14 13.26 12.45 -26.51
CA SER B 14 11.99 13.16 -26.62
C SER B 14 11.16 13.02 -25.33
N GLY B 15 10.04 13.74 -25.26
CA GLY B 15 9.01 13.50 -24.22
C GLY B 15 9.38 13.59 -22.74
N ILE B 16 8.86 12.69 -21.93
CA ILE B 16 9.24 12.68 -20.52
C ILE B 16 10.78 12.72 -20.21
N GLY B 17 11.56 11.83 -20.81
CA GLY B 17 13.01 11.78 -20.50
C GLY B 17 13.68 13.09 -20.84
N LEU B 18 13.27 13.67 -21.98
CA LEU B 18 13.85 14.94 -22.41
C LEU B 18 13.44 16.08 -21.46
N GLY B 19 12.18 16.10 -21.04
CA GLY B 19 11.71 17.11 -20.08
C GLY B 19 12.50 17.00 -18.77
N ILE B 20 12.83 15.79 -18.35
CA ILE B 20 13.60 15.62 -17.08
C ILE B 20 15.04 16.12 -17.26
N ALA B 21 15.73 15.65 -18.32
CA ALA B 21 17.06 16.08 -18.64
C ALA B 21 17.16 17.64 -18.71
N GLN B 22 16.16 18.30 -19.31
CA GLN B 22 16.13 19.76 -19.41
C GLN B 22 16.18 20.48 -18.05
N VAL B 23 15.46 19.94 -17.08
CA VAL B 23 15.40 20.55 -15.73
C VAL B 23 16.76 20.29 -14.99
N LEU B 24 17.31 19.09 -15.18
CA LEU B 24 18.70 18.78 -14.62
C LEU B 24 19.79 19.59 -15.27
N ALA B 25 19.67 19.84 -16.59
CA ALA B 25 20.56 20.75 -17.31
C ALA B 25 20.47 22.18 -16.82
N ARG B 26 19.24 22.63 -16.54
CA ARG B 26 19.03 23.99 -16.06
C ARG B 26 19.63 24.15 -14.70
N ALA B 27 19.49 23.14 -13.83
CA ALA B 27 20.21 23.12 -12.52
C ALA B 27 21.74 22.95 -12.59
N GLY B 28 22.31 22.72 -13.78
CA GLY B 28 23.76 22.68 -13.97
C GLY B 28 24.37 21.34 -14.28
N ALA B 29 23.59 20.30 -14.30
CA ALA B 29 24.20 19.00 -14.65
C ALA B 29 24.62 18.86 -16.14
N ASN B 30 25.79 18.26 -16.37
CA ASN B 30 26.13 17.69 -17.68
C ASN B 30 25.23 16.44 -17.99
N ILE B 31 24.89 16.26 -19.26
CA ILE B 31 23.81 15.37 -19.58
C ILE B 31 24.31 14.29 -20.53
N VAL B 32 24.07 13.04 -20.15
CA VAL B 32 24.11 11.91 -21.11
C VAL B 32 22.69 11.57 -21.56
N LEU B 33 22.46 11.73 -22.86
CA LEU B 33 21.11 11.47 -23.44
C LEU B 33 21.09 10.08 -24.07
N ASN B 34 19.93 9.44 -24.14
CA ASN B 34 19.83 8.14 -24.80
C ASN B 34 18.48 7.97 -25.54
N GLY B 35 18.40 7.17 -26.58
CA GLY B 35 17.07 7.00 -27.19
C GLY B 35 17.16 6.87 -28.69
N PHE B 36 16.00 6.73 -29.32
CA PHE B 36 15.89 6.57 -30.76
C PHE B 36 15.50 7.88 -31.41
N GLY B 37 15.70 7.95 -32.71
CA GLY B 37 15.36 9.12 -33.51
C GLY B 37 16.63 9.91 -33.75
N ASP B 38 16.49 11.02 -34.49
CA ASP B 38 17.50 12.09 -34.51
C ASP B 38 17.71 12.65 -33.09
N PRO B 39 18.95 12.58 -32.58
CA PRO B 39 19.23 13.21 -31.28
C PRO B 39 19.53 14.73 -31.35
N ALA B 40 19.70 15.30 -32.55
CA ALA B 40 20.04 16.73 -32.65
C ALA B 40 19.11 17.67 -31.87
N PRO B 41 17.76 17.47 -31.96
CA PRO B 41 16.89 18.34 -31.13
C PRO B 41 17.08 18.28 -29.59
N ALA B 42 17.26 17.07 -29.06
CA ALA B 42 17.44 16.92 -27.65
C ALA B 42 18.79 17.56 -27.28
N LEU B 43 19.85 17.27 -28.05
CA LEU B 43 21.17 17.82 -27.72
C LEU B 43 21.11 19.37 -27.76
N ALA B 44 20.35 19.93 -28.72
CA ALA B 44 20.24 21.39 -28.85
C ALA B 44 19.53 21.99 -27.65
N GLU B 45 18.43 21.37 -27.25
CA GLU B 45 17.66 21.80 -26.09
C GLU B 45 18.51 21.88 -24.82
N ILE B 46 19.25 20.80 -24.54
CA ILE B 46 20.21 20.72 -23.42
C ILE B 46 21.33 21.80 -23.47
N ALA B 47 21.98 21.94 -24.64
CA ALA B 47 23.07 22.88 -24.85
C ALA B 47 22.74 24.32 -24.49
N ARG B 48 21.51 24.70 -24.78
CA ARG B 48 20.94 26.02 -24.46
C ARG B 48 21.14 26.41 -22.98
N HIS B 49 21.08 25.41 -22.11
CA HIS B 49 21.21 25.63 -20.67
C HIS B 49 22.68 25.85 -20.27
N GLY B 50 23.59 25.97 -21.24
CA GLY B 50 24.99 26.32 -20.97
C GLY B 50 25.76 25.14 -20.37
N VAL B 51 25.29 23.94 -20.68
CA VAL B 51 25.82 22.69 -20.11
C VAL B 51 26.34 21.77 -21.27
N LYS B 52 27.24 20.83 -20.96
CA LYS B 52 27.68 19.77 -21.97
C LYS B 52 26.71 18.56 -22.08
N ALA B 53 26.36 18.18 -23.30
CA ALA B 53 25.49 17.00 -23.47
C ALA B 53 26.13 16.08 -24.51
N VAL B 54 25.97 14.76 -24.35
CA VAL B 54 26.29 13.75 -25.33
C VAL B 54 25.10 12.78 -25.47
N HIS B 55 25.09 11.98 -26.54
CA HIS B 55 24.00 11.07 -26.80
C HIS B 55 24.57 9.71 -27.12
N HIS B 56 24.04 8.67 -26.50
CA HIS B 56 24.28 7.27 -26.93
C HIS B 56 22.94 6.58 -27.40
N PRO B 57 22.94 5.94 -28.60
CA PRO B 57 21.70 5.37 -29.14
C PRO B 57 21.29 3.95 -28.63
N ALA B 58 21.93 3.51 -27.55
CA ALA B 58 21.77 2.20 -26.96
C ALA B 58 20.31 1.73 -26.96
N ASP B 59 20.08 0.60 -27.63
CA ASP B 59 18.87 -0.18 -27.43
C ASP B 59 19.02 -0.81 -26.06
N LEU B 60 18.14 -0.41 -25.14
CA LEU B 60 18.14 -0.91 -23.77
C LEU B 60 17.66 -2.37 -23.59
N SER B 61 17.18 -3.02 -24.67
CA SER B 61 16.93 -4.50 -24.60
C SER B 61 18.20 -5.31 -24.84
N ASP B 62 19.26 -4.59 -25.14
CA ASP B 62 20.51 -5.21 -25.43
C ASP B 62 21.47 -4.75 -24.33
N VAL B 63 21.75 -5.66 -23.42
CA VAL B 63 22.71 -5.46 -22.34
C VAL B 63 24.08 -4.92 -22.80
N ALA B 64 24.65 -5.42 -23.90
CA ALA B 64 25.95 -4.91 -24.45
C ALA B 64 25.89 -3.40 -24.82
N GLN B 65 24.83 -3.03 -25.56
CA GLN B 65 24.49 -1.64 -25.82
C GLN B 65 24.33 -0.75 -24.55
N ILE B 66 23.69 -1.26 -23.48
CA ILE B 66 23.63 -0.54 -22.19
C ILE B 66 25.01 -0.28 -21.57
N GLU B 67 25.87 -1.29 -21.64
CA GLU B 67 27.22 -1.21 -21.19
C GLU B 67 27.99 -0.14 -21.97
N ALA B 68 27.84 -0.09 -23.30
CA ALA B 68 28.44 0.96 -24.16
C ALA B 68 27.99 2.42 -23.82
N LEU B 69 26.69 2.57 -23.52
CA LEU B 69 26.14 3.80 -22.98
C LEU B 69 26.84 4.30 -21.71
N PHE B 70 27.07 3.39 -20.79
CA PHE B 70 27.66 3.70 -19.50
C PHE B 70 29.13 3.95 -19.61
N ALA B 71 29.80 3.18 -20.44
CA ALA B 71 31.19 3.41 -20.86
C ALA B 71 31.44 4.84 -21.43
N LEU B 72 30.46 5.33 -22.24
CA LEU B 72 30.46 6.69 -22.84
C LEU B 72 30.42 7.78 -21.75
N ALA B 73 29.43 7.71 -20.86
CA ALA B 73 29.41 8.49 -19.58
C ALA B 73 30.76 8.53 -18.79
N GLU B 74 31.42 7.36 -18.62
CA GLU B 74 32.70 7.39 -17.87
C GLU B 74 33.78 8.14 -18.64
N ARG B 75 33.94 7.91 -19.94
CA ARG B 75 35.05 8.62 -20.58
C ARG B 75 34.78 10.10 -20.77
N GLU B 76 33.53 10.40 -21.11
CA GLU B 76 33.09 11.76 -21.40
C GLU B 76 33.05 12.65 -20.13
N PHE B 77 32.40 12.16 -19.06
CA PHE B 77 32.18 12.92 -17.85
C PHE B 77 32.77 12.34 -16.55
N GLY B 78 33.45 11.20 -16.62
CA GLY B 78 33.97 10.52 -15.41
C GLY B 78 32.90 9.73 -14.60
N GLY B 79 31.83 9.28 -15.25
CA GLY B 79 30.86 8.46 -14.59
C GLY B 79 29.54 9.18 -14.32
N VAL B 80 28.47 8.39 -14.16
CA VAL B 80 27.13 8.84 -13.77
C VAL B 80 26.93 9.14 -12.23
N ASP B 81 26.48 10.33 -11.90
CA ASP B 81 26.12 10.64 -10.51
C ASP B 81 24.61 10.51 -10.27
N ILE B 82 23.81 10.86 -11.25
CA ILE B 82 22.32 10.86 -11.15
C ILE B 82 21.86 9.93 -12.30
N LEU B 83 21.35 8.77 -11.97
CA LEU B 83 20.78 7.91 -13.00
C LEU B 83 19.28 8.01 -13.05
N VAL B 84 18.71 8.38 -14.20
CA VAL B 84 17.26 8.36 -14.34
C VAL B 84 16.85 7.27 -15.35
N ASN B 85 16.25 6.18 -14.87
CA ASN B 85 15.88 5.05 -15.71
C ASN B 85 14.44 5.36 -16.08
N ASN B 86 14.25 5.75 -17.34
CA ASN B 86 13.01 6.35 -17.75
C ASN B 86 12.38 5.57 -18.88
N ALA B 87 13.22 5.09 -19.80
CA ALA B 87 12.71 4.44 -20.99
C ALA B 87 11.46 3.54 -20.72
N GLY B 88 10.36 3.76 -21.45
CA GLY B 88 9.21 2.86 -21.36
C GLY B 88 8.68 2.41 -22.70
N ILE B 89 8.12 1.19 -22.75
CA ILE B 89 7.29 0.79 -23.90
C ILE B 89 5.98 0.15 -23.39
N GLN B 90 4.94 0.29 -24.22
CA GLN B 90 3.59 -0.18 -23.90
C GLN B 90 2.95 -1.13 -24.96
N HIS B 91 2.02 -1.99 -24.52
CA HIS B 91 1.11 -2.77 -25.40
C HIS B 91 -0.15 -3.17 -24.62
N VAL B 92 -1.32 -2.96 -25.22
CA VAL B 92 -2.61 -3.30 -24.63
C VAL B 92 -3.29 -4.52 -25.25
N ALA B 93 -3.49 -5.57 -24.44
CA ALA B 93 -4.32 -6.75 -24.84
C ALA B 93 -4.81 -7.60 -23.67
N PRO B 94 -5.93 -8.35 -23.86
CA PRO B 94 -6.27 -9.24 -22.74
C PRO B 94 -5.10 -10.18 -22.47
N VAL B 95 -4.81 -10.43 -21.19
CA VAL B 95 -3.80 -11.44 -20.77
C VAL B 95 -3.67 -12.66 -21.70
N GLU B 96 -4.77 -13.37 -21.96
CA GLU B 96 -4.76 -14.55 -22.80
C GLU B 96 -4.50 -14.30 -24.33
N GLN B 97 -4.47 -13.05 -24.75
CA GLN B 97 -4.19 -12.73 -26.17
C GLN B 97 -3.02 -11.77 -26.30
N PHE B 98 -2.27 -11.63 -25.22
CA PHE B 98 -1.13 -10.72 -25.16
C PHE B 98 0.02 -11.38 -25.88
N PRO B 99 0.58 -10.74 -26.91
CA PRO B 99 1.51 -11.59 -27.71
C PRO B 99 2.76 -11.94 -26.85
N LEU B 100 3.28 -13.17 -26.94
CA LEU B 100 4.48 -13.60 -26.19
C LEU B 100 5.67 -12.65 -26.31
N GLU B 101 5.84 -12.06 -27.49
CA GLU B 101 7.01 -11.22 -27.83
C GLU B 101 6.91 -9.89 -27.11
N SER B 102 5.67 -9.38 -27.04
CA SER B 102 5.38 -8.13 -26.35
C SER B 102 5.63 -8.28 -24.85
N TRP B 103 5.13 -9.37 -24.24
CA TRP B 103 5.50 -9.74 -22.86
C TRP B 103 7.03 -9.67 -22.70
N ASP B 104 7.82 -10.48 -23.42
CA ASP B 104 9.30 -10.36 -23.36
C ASP B 104 9.89 -8.95 -23.56
N LYS B 105 9.48 -8.18 -24.58
CA LYS B 105 10.01 -6.82 -24.84
C LYS B 105 9.73 -5.81 -23.67
N ILE B 106 8.49 -5.82 -23.19
CA ILE B 106 8.03 -4.95 -22.09
C ILE B 106 8.82 -5.31 -20.85
N ILE B 107 8.91 -6.60 -20.54
CA ILE B 107 9.69 -7.03 -19.36
C ILE B 107 11.19 -6.65 -19.50
N ALA B 108 11.75 -6.88 -20.68
CA ALA B 108 13.13 -6.49 -20.96
C ALA B 108 13.43 -4.97 -20.87
N LEU B 109 12.63 -4.13 -21.53
CA LEU B 109 12.83 -2.67 -21.43
C LEU B 109 12.40 -1.97 -20.11
N ASN B 110 11.21 -2.35 -19.57
CA ASN B 110 10.64 -1.64 -18.47
C ASN B 110 11.14 -2.13 -17.15
N LEU B 111 11.70 -3.34 -17.11
CA LEU B 111 12.15 -3.83 -15.84
C LEU B 111 13.61 -4.24 -15.79
N SER B 112 14.02 -5.12 -16.71
CA SER B 112 15.36 -5.60 -16.75
C SER B 112 16.38 -4.51 -17.12
N ALA B 113 16.07 -3.63 -18.07
CA ALA B 113 16.99 -2.48 -18.33
C ALA B 113 17.26 -1.68 -17.03
N VAL B 114 16.26 -1.60 -16.17
CA VAL B 114 16.39 -0.83 -14.88
C VAL B 114 17.44 -1.47 -13.92
N PHE B 115 17.39 -2.80 -13.78
CA PHE B 115 18.43 -3.58 -13.17
C PHE B 115 19.78 -3.41 -13.89
N HIS B 116 19.85 -3.49 -15.22
CA HIS B 116 21.14 -3.22 -15.85
C HIS B 116 21.69 -1.81 -15.64
N GLY B 117 20.92 -0.77 -15.83
CA GLY B 117 21.37 0.62 -15.60
C GLY B 117 21.92 0.74 -14.16
N THR B 118 21.15 0.22 -13.23
CA THR B 118 21.43 0.29 -11.78
C THR B 118 22.73 -0.45 -11.37
N ARG B 119 22.93 -1.66 -11.89
CA ARG B 119 24.18 -2.39 -11.62
C ARG B 119 25.44 -1.68 -12.17
N LEU B 120 25.30 -1.03 -13.32
CA LEU B 120 26.42 -0.31 -13.93
C LEU B 120 26.81 1.04 -13.31
N ALA B 121 25.84 1.73 -12.67
CA ALA B 121 26.06 3.04 -12.07
C ALA B 121 26.57 2.94 -10.61
N LEU B 122 26.10 1.93 -9.93
CA LEU B 122 26.18 1.87 -8.50
C LEU B 122 27.64 1.82 -7.97
N PRO B 123 28.50 1.02 -8.63
CA PRO B 123 29.88 0.97 -8.10
C PRO B 123 30.55 2.37 -8.04
N GLY B 124 30.47 3.13 -9.13
CA GLY B 124 31.09 4.45 -9.12
C GLY B 124 30.42 5.45 -8.17
N MET B 125 29.10 5.35 -7.98
CA MET B 125 28.37 6.17 -6.97
C MET B 125 28.84 5.91 -5.55
N ARG B 126 28.93 4.61 -5.22
CA ARG B 126 29.51 4.13 -3.94
C ARG B 126 30.96 4.60 -3.72
N ALA B 127 31.83 4.40 -4.72
CA ALA B 127 33.22 4.86 -4.61
C ALA B 127 33.31 6.37 -4.38
N ARG B 128 32.38 7.14 -4.93
CA ARG B 128 32.42 8.58 -4.72
C ARG B 128 31.57 8.91 -3.49
N ASN B 129 30.89 7.89 -2.95
CA ASN B 129 29.91 8.12 -1.88
C ASN B 129 28.91 9.28 -2.14
N TRP B 130 28.40 9.36 -3.37
CA TRP B 130 27.30 10.26 -3.72
C TRP B 130 26.55 9.72 -4.92
N GLY B 131 25.22 9.68 -4.87
CA GLY B 131 24.46 9.03 -5.98
C GLY B 131 22.96 9.11 -5.91
N ARG B 132 22.32 9.24 -7.04
CA ARG B 132 20.88 9.20 -7.03
C ARG B 132 20.47 8.32 -8.16
N ILE B 133 19.67 7.29 -7.86
CA ILE B 133 19.01 6.54 -8.92
C ILE B 133 17.51 6.79 -8.74
N ILE B 134 16.89 7.30 -9.82
CA ILE B 134 15.49 7.60 -9.82
C ILE B 134 14.89 6.83 -10.95
N ASN B 135 13.93 5.96 -10.60
CA ASN B 135 13.29 5.17 -11.59
C ASN B 135 11.94 5.76 -11.94
N ILE B 136 11.72 6.13 -13.16
CA ILE B 136 10.34 6.55 -13.54
C ILE B 136 9.47 5.29 -13.80
N ALA B 137 8.62 4.94 -12.82
CA ALA B 137 7.80 3.77 -12.87
C ALA B 137 6.40 4.25 -13.38
N SER B 138 5.33 4.11 -12.57
CA SER B 138 3.98 4.41 -13.05
C SER B 138 3.04 4.18 -11.90
N VAL B 139 1.82 4.72 -11.95
CA VAL B 139 0.74 4.30 -11.05
C VAL B 139 0.56 2.80 -11.19
N HIS B 140 0.89 2.30 -12.39
CA HIS B 140 0.91 0.85 -12.77
C HIS B 140 2.02 -0.02 -12.11
N GLY B 141 2.89 0.65 -11.39
CA GLY B 141 3.72 0.03 -10.38
C GLY B 141 3.01 -0.21 -9.07
N LEU B 142 1.85 0.41 -8.89
CA LEU B 142 1.09 0.26 -7.64
C LEU B 142 -0.31 -0.36 -7.81
N VAL B 143 -0.93 -0.21 -9.00
CA VAL B 143 -2.29 -0.81 -9.21
C VAL B 143 -2.34 -1.39 -10.61
N GLY B 144 -3.45 -2.06 -10.93
CA GLY B 144 -3.57 -2.66 -12.24
C GLY B 144 -4.53 -1.84 -13.08
N SER B 145 -4.56 -2.17 -14.37
CA SER B 145 -5.63 -1.85 -15.26
C SER B 145 -5.77 -3.02 -16.18
N THR B 146 -6.98 -3.18 -16.72
CA THR B 146 -7.27 -4.22 -17.72
C THR B 146 -6.44 -3.96 -19.03
N GLY B 147 -6.05 -5.04 -19.73
CA GLY B 147 -5.28 -4.93 -20.98
C GLY B 147 -3.77 -4.66 -20.85
N LYS B 148 -3.26 -4.48 -19.64
CA LYS B 148 -1.88 -4.08 -19.38
C LYS B 148 -1.05 -5.09 -18.53
N ALA B 149 -1.23 -6.39 -18.79
CA ALA B 149 -0.52 -7.42 -18.03
C ALA B 149 1.01 -7.15 -17.90
N ALA B 150 1.74 -7.05 -19.02
CA ALA B 150 3.18 -6.84 -19.03
C ALA B 150 3.67 -5.52 -18.45
N TYR B 151 3.08 -4.39 -18.89
CA TYR B 151 3.44 -3.12 -18.24
C TYR B 151 3.27 -3.10 -16.73
N VAL B 152 2.11 -3.58 -16.23
CA VAL B 152 1.82 -3.47 -14.78
C VAL B 152 2.79 -4.40 -14.06
N ALA B 153 3.04 -5.59 -14.61
CA ALA B 153 4.04 -6.47 -14.03
C ALA B 153 5.45 -5.84 -13.96
N ALA B 154 5.91 -5.24 -15.06
CA ALA B 154 7.25 -4.68 -15.14
C ALA B 154 7.35 -3.48 -14.20
N LYS B 155 6.37 -2.58 -14.26
CA LYS B 155 6.35 -1.40 -13.37
C LYS B 155 6.28 -1.69 -11.84
N HIS B 156 5.43 -2.66 -11.47
CA HIS B 156 5.48 -3.26 -10.15
C HIS B 156 6.88 -3.78 -9.77
N GLY B 157 7.51 -4.57 -10.66
CA GLY B 157 8.87 -4.96 -10.45
C GLY B 157 9.85 -3.82 -10.26
N VAL B 158 9.72 -2.74 -11.02
CA VAL B 158 10.53 -1.52 -10.76
C VAL B 158 10.41 -0.97 -9.35
N VAL B 159 9.17 -0.85 -8.87
CA VAL B 159 8.84 -0.48 -7.48
C VAL B 159 9.46 -1.45 -6.47
N GLY B 160 9.42 -2.78 -6.72
CA GLY B 160 10.15 -3.66 -5.89
C GLY B 160 11.65 -3.54 -5.88
N LEU B 161 12.24 -3.54 -7.09
CA LEU B 161 13.62 -3.30 -7.28
C LEU B 161 14.09 -2.02 -6.56
N THR B 162 13.38 -0.92 -6.73
CA THR B 162 13.64 0.33 -6.01
C THR B 162 13.78 0.15 -4.49
N LYS B 163 12.86 -0.58 -3.86
CA LYS B 163 13.05 -0.94 -2.46
C LYS B 163 14.30 -1.68 -2.15
N VAL B 164 14.57 -2.79 -2.86
CA VAL B 164 15.85 -3.48 -2.65
C VAL B 164 17.04 -2.56 -2.75
N VAL B 165 17.12 -1.76 -3.80
CA VAL B 165 18.31 -0.87 -3.92
C VAL B 165 18.37 0.25 -2.82
N GLY B 166 17.23 0.87 -2.52
CA GLY B 166 17.06 1.86 -1.46
C GLY B 166 17.65 1.24 -0.18
N LEU B 167 17.22 -0.01 0.12
CA LEU B 167 17.73 -0.72 1.31
C LEU B 167 19.24 -0.97 1.29
N GLU B 168 19.74 -1.49 0.16
CA GLU B 168 21.14 -1.91 0.07
C GLU B 168 22.09 -0.71 0.12
N THR B 169 21.56 0.43 -0.24
CA THR B 169 22.35 1.63 -0.24
C THR B 169 22.08 2.48 0.98
N ALA B 170 21.19 2.05 1.88
CA ALA B 170 20.77 2.92 3.02
C ALA B 170 21.86 3.58 3.82
N THR B 171 22.90 2.82 4.16
CA THR B 171 24.02 3.29 4.99
C THR B 171 25.11 4.14 4.22
N SER B 172 24.85 4.51 2.97
CA SER B 172 25.77 5.33 2.13
C SER B 172 24.97 6.65 1.78
N ASN B 173 25.56 7.50 0.95
CA ASN B 173 25.00 8.74 0.53
C ASN B 173 24.35 8.52 -0.84
N VAL B 174 24.23 7.25 -1.28
CA VAL B 174 23.49 6.95 -2.50
C VAL B 174 22.05 6.62 -2.13
N THR B 175 21.12 7.21 -2.89
CA THR B 175 19.71 6.84 -2.79
C THR B 175 19.14 6.27 -4.09
N CYS B 176 18.07 5.53 -3.93
CA CYS B 176 17.33 4.96 -5.02
C CYS B 176 15.87 5.05 -4.68
N ASN B 177 15.10 5.68 -5.58
CA ASN B 177 13.66 5.92 -5.43
C ASN B 177 13.00 5.85 -6.77
N ALA B 178 11.67 5.79 -6.71
CA ALA B 178 10.81 5.67 -7.89
C ALA B 178 9.86 6.83 -7.90
N ILE B 179 9.61 7.34 -9.09
CA ILE B 179 8.47 8.21 -9.33
C ILE B 179 7.38 7.51 -10.12
N CYS B 180 6.13 7.72 -9.69
CA CYS B 180 5.03 6.92 -10.24
C CYS B 180 3.97 7.84 -10.88
N PRO B 181 4.19 8.27 -12.12
CA PRO B 181 3.22 9.17 -12.82
C PRO B 181 1.92 8.50 -13.25
N GLY B 182 0.85 9.30 -13.35
CA GLY B 182 -0.41 8.89 -13.92
C GLY B 182 -0.28 9.25 -15.43
N TRP B 183 -1.37 9.84 -16.02
CA TRP B 183 -1.41 10.30 -17.39
C TRP B 183 -0.51 11.52 -17.50
N VAL B 184 0.43 11.44 -18.44
CA VAL B 184 1.41 12.52 -18.63
C VAL B 184 1.25 12.96 -20.06
N LEU B 185 1.31 14.27 -20.26
CA LEU B 185 1.16 14.81 -21.60
C LEU B 185 2.45 14.68 -22.43
N THR B 186 2.42 13.64 -23.25
CA THR B 186 3.45 13.32 -24.22
C THR B 186 3.00 13.69 -25.64
N PRO B 187 3.95 13.74 -26.59
CA PRO B 187 3.50 13.88 -27.99
C PRO B 187 2.55 12.75 -28.49
N LEU B 188 2.79 11.49 -28.12
CA LEU B 188 1.80 10.40 -28.25
C LEU B 188 0.40 10.71 -27.67
N VAL B 189 0.36 11.20 -26.43
CA VAL B 189 -0.90 11.57 -25.88
C VAL B 189 -1.51 12.79 -26.65
N GLN B 190 -0.65 13.72 -27.09
CA GLN B 190 -1.21 14.88 -27.81
C GLN B 190 -1.89 14.48 -29.13
N LYS B 191 -1.32 13.53 -29.88
CA LYS B 191 -1.98 12.84 -31.00
C LYS B 191 -3.36 12.26 -30.65
N GLN B 192 -3.47 11.44 -29.62
CA GLN B 192 -4.82 10.96 -29.27
C GLN B 192 -5.87 12.08 -29.28
N ILE B 193 -5.60 13.13 -28.50
CA ILE B 193 -6.46 14.29 -28.36
C ILE B 193 -6.71 14.98 -29.72
N ASP B 194 -5.61 15.29 -30.43
CA ASP B 194 -5.60 15.81 -31.80
C ASP B 194 -6.49 15.01 -32.75
N ASP B 195 -6.37 13.67 -32.68
CA ASP B 195 -7.22 12.82 -33.53
C ASP B 195 -8.70 12.94 -33.20
N ARG B 196 -9.05 12.95 -31.91
CA ARG B 196 -10.42 13.30 -31.48
C ARG B 196 -10.86 14.72 -31.98
N ALA B 197 -9.97 15.71 -31.83
CA ALA B 197 -10.30 17.07 -32.25
C ALA B 197 -10.65 17.16 -33.75
N ALA B 198 -9.94 16.37 -34.58
CA ALA B 198 -10.17 16.36 -36.04
C ALA B 198 -11.51 15.75 -36.41
N ASN B 199 -12.15 15.08 -35.46
CA ASN B 199 -13.52 14.56 -35.61
C ASN B 199 -14.61 15.65 -35.46
N GLY B 200 -14.26 16.85 -35.01
CA GLY B 200 -15.31 17.80 -34.63
C GLY B 200 -15.76 17.30 -33.25
N GLY B 201 -15.24 17.95 -32.25
CA GLY B 201 -15.14 17.33 -30.96
C GLY B 201 -14.15 18.20 -30.21
N ASP B 202 -14.65 18.86 -29.17
CA ASP B 202 -13.91 19.89 -28.45
C ASP B 202 -12.63 19.25 -27.76
N PRO B 203 -11.42 19.90 -27.83
CA PRO B 203 -10.22 19.21 -27.25
C PRO B 203 -10.27 18.93 -25.75
N LEU B 204 -10.98 19.81 -25.03
CA LEU B 204 -11.11 19.74 -23.58
C LEU B 204 -12.00 18.55 -23.27
N GLN B 205 -13.09 18.41 -24.02
CA GLN B 205 -14.01 17.30 -23.79
C GLN B 205 -13.25 16.02 -24.03
N ALA B 206 -12.49 15.97 -25.13
CA ALA B 206 -11.68 14.82 -25.48
C ALA B 206 -10.71 14.46 -24.33
N GLN B 207 -10.14 15.47 -23.73
CA GLN B 207 -9.13 15.25 -22.66
C GLN B 207 -9.84 14.75 -21.40
N HIS B 208 -11.02 15.34 -21.10
CA HIS B 208 -11.94 14.86 -20.06
C HIS B 208 -12.34 13.38 -20.22
N ASP B 209 -12.85 13.03 -21.41
CA ASP B 209 -13.18 11.67 -21.79
C ASP B 209 -12.01 10.67 -21.56
N LEU B 210 -10.79 11.07 -21.89
CA LEU B 210 -9.60 10.22 -21.73
C LEU B 210 -9.20 10.01 -20.25
N LEU B 211 -9.23 11.08 -19.46
CA LEU B 211 -8.81 10.98 -18.09
C LEU B 211 -9.84 10.62 -17.05
N ALA B 212 -11.14 10.77 -17.35
CA ALA B 212 -12.23 10.69 -16.34
C ALA B 212 -12.21 9.41 -15.51
N GLU B 213 -11.93 8.30 -16.16
CA GLU B 213 -12.05 7.03 -15.47
C GLU B 213 -10.93 6.91 -14.38
N LYS B 214 -9.71 7.36 -14.69
CA LYS B 214 -8.54 7.04 -13.82
C LYS B 214 -7.94 8.24 -13.04
N GLN B 215 -8.19 9.45 -13.55
CA GLN B 215 -7.36 10.60 -13.11
C GLN B 215 -8.36 11.76 -12.77
N PRO B 216 -8.91 11.76 -11.51
CA PRO B 216 -9.93 12.72 -10.98
C PRO B 216 -9.60 14.19 -11.28
N SER B 217 -8.33 14.58 -11.26
CA SER B 217 -8.04 15.97 -11.68
C SER B 217 -8.51 16.43 -13.11
N LEU B 218 -8.70 15.47 -14.02
CA LEU B 218 -9.01 15.75 -15.44
C LEU B 218 -7.91 16.61 -16.14
N ALA B 219 -6.72 16.57 -15.58
CA ALA B 219 -5.58 17.40 -16.05
C ALA B 219 -4.30 16.53 -16.06
N PHE B 220 -3.45 16.76 -17.08
CA PHE B 220 -2.22 15.98 -17.23
C PHE B 220 -1.13 16.41 -16.28
N VAL B 221 -0.32 15.42 -15.90
CA VAL B 221 1.05 15.67 -15.31
C VAL B 221 1.92 16.08 -16.54
N THR B 222 2.88 16.99 -16.37
CA THR B 222 3.70 17.38 -17.47
C THR B 222 5.11 16.77 -17.25
N PRO B 223 5.84 16.50 -18.38
CA PRO B 223 7.26 16.15 -18.19
C PRO B 223 8.07 17.09 -17.28
N GLU B 224 7.79 18.40 -17.35
CA GLU B 224 8.43 19.37 -16.44
C GLU B 224 8.11 19.13 -14.93
N HIS B 225 6.88 18.79 -14.57
CA HIS B 225 6.58 18.46 -13.14
C HIS B 225 7.50 17.38 -12.65
N LEU B 226 7.68 16.37 -13.51
CA LEU B 226 8.48 15.19 -13.23
C LEU B 226 10.00 15.53 -13.14
N GLY B 227 10.52 16.31 -14.10
CA GLY B 227 11.88 16.84 -13.97
C GLY B 227 12.09 17.59 -12.66
N GLU B 228 11.13 18.45 -12.28
CA GLU B 228 11.23 19.15 -10.96
C GLU B 228 11.24 18.22 -9.76
N LEU B 229 10.47 17.13 -9.80
CA LEU B 229 10.56 16.13 -8.76
C LEU B 229 11.94 15.43 -8.68
N VAL B 230 12.41 15.00 -9.85
CA VAL B 230 13.75 14.43 -9.94
C VAL B 230 14.78 15.37 -9.34
N LEU B 231 14.68 16.66 -9.68
CA LEU B 231 15.63 17.61 -9.07
C LEU B 231 15.49 17.72 -7.55
N PHE B 232 14.25 17.82 -7.04
CA PHE B 232 14.07 17.61 -5.59
C PHE B 232 14.83 16.38 -4.97
N LEU B 233 14.61 15.19 -5.50
CA LEU B 233 15.24 13.98 -5.02
C LEU B 233 16.75 14.03 -5.04
N CYS B 234 17.29 14.86 -5.94
CA CYS B 234 18.68 15.01 -6.07
C CYS B 234 19.23 16.07 -5.15
N SER B 235 18.34 16.86 -4.50
CA SER B 235 18.78 17.82 -3.45
C SER B 235 19.18 17.16 -2.04
N GLU B 236 19.79 17.94 -1.15
CA GLU B 236 20.05 17.52 0.25
C GLU B 236 18.74 17.06 1.00
N ALA B 237 17.58 17.65 0.67
CA ALA B 237 16.28 17.32 1.29
C ALA B 237 15.82 15.94 0.80
N GLY B 238 16.47 15.46 -0.26
CA GLY B 238 16.27 14.08 -0.76
C GLY B 238 17.18 13.04 -0.21
N SER B 239 18.13 13.45 0.65
CA SER B 239 19.11 12.53 1.24
C SER B 239 18.56 11.32 1.99
N GLN B 240 17.40 11.43 2.63
CA GLN B 240 16.86 10.32 3.44
C GLN B 240 15.55 9.81 2.84
N VAL B 241 15.30 10.17 1.57
CA VAL B 241 14.23 9.49 0.75
C VAL B 241 14.94 8.27 0.18
N ARG B 242 14.43 7.09 0.50
CA ARG B 242 15.17 5.89 0.22
C ARG B 242 14.21 4.74 0.00
N GLY B 243 14.30 4.15 -1.19
CA GLY B 243 13.45 3.03 -1.55
C GLY B 243 11.99 3.44 -1.69
N ALA B 244 11.74 4.71 -2.03
CA ALA B 244 10.37 5.16 -1.97
C ALA B 244 9.72 5.18 -3.36
N ALA B 245 8.39 5.14 -3.39
CA ALA B 245 7.66 5.18 -4.67
C ALA B 245 6.63 6.33 -4.59
N TRP B 246 6.92 7.51 -5.11
CA TRP B 246 6.09 8.69 -4.90
C TRP B 246 5.29 8.92 -6.17
N ASN B 247 3.97 9.02 -5.99
CA ASN B 247 3.01 9.18 -7.13
C ASN B 247 2.69 10.62 -7.42
N VAL B 248 2.78 10.94 -8.71
CA VAL B 248 2.31 12.21 -9.22
C VAL B 248 1.22 11.88 -10.24
N ASP B 249 -0.06 12.08 -9.94
CA ASP B 249 -1.04 11.31 -10.69
C ASP B 249 -2.48 11.89 -10.72
N GLY B 250 -2.59 13.18 -10.38
CA GLY B 250 -3.88 13.88 -10.38
C GLY B 250 -4.93 13.12 -9.58
N GLY B 251 -4.50 12.32 -8.58
CA GLY B 251 -5.52 11.62 -7.69
C GLY B 251 -5.72 10.12 -7.98
N TRP B 252 -5.03 9.57 -8.99
CA TRP B 252 -5.30 8.22 -9.49
C TRP B 252 -5.35 7.20 -8.35
N LEU B 253 -4.29 7.27 -7.52
CA LEU B 253 -4.09 6.32 -6.46
C LEU B 253 -4.91 6.59 -5.17
N ALA B 254 -5.41 7.82 -4.99
CA ALA B 254 -6.15 8.20 -3.76
C ALA B 254 -7.49 7.50 -3.68
N GLN B 255 -8.05 7.16 -4.84
CA GLN B 255 -9.28 6.34 -4.93
C GLN B 255 -9.03 4.84 -5.17
N THR C 1 -15.73 -27.34 16.82
CA THR C 1 -14.55 -26.65 16.21
C THR C 1 -14.23 -25.28 16.86
N LEU C 2 -15.30 -24.49 17.07
CA LEU C 2 -15.27 -23.35 18.01
C LEU C 2 -16.10 -23.59 19.31
N LYS C 3 -16.70 -24.79 19.44
CA LYS C 3 -17.33 -25.22 20.69
C LYS C 3 -16.45 -24.88 21.91
N GLY C 4 -17.05 -24.09 22.86
CA GLY C 4 -16.28 -23.71 24.04
C GLY C 4 -15.63 -22.36 23.93
N LYS C 5 -15.63 -21.80 22.72
CA LYS C 5 -15.30 -20.43 22.50
C LYS C 5 -16.58 -19.61 22.50
N THR C 6 -16.39 -18.35 22.86
CA THR C 6 -17.40 -17.36 23.01
C THR C 6 -17.02 -16.19 22.10
N ALA C 7 -17.90 -15.91 21.14
CA ALA C 7 -17.68 -14.82 20.20
C ALA C 7 -18.59 -13.62 20.55
N LEU C 8 -18.04 -12.40 20.55
CA LEU C 8 -18.90 -11.22 20.66
C LEU C 8 -18.84 -10.55 19.31
N VAL C 9 -20.00 -10.13 18.78
CA VAL C 9 -20.00 -9.39 17.57
C VAL C 9 -20.81 -8.07 17.80
N THR C 10 -20.17 -6.93 17.57
CA THR C 10 -20.78 -5.59 17.69
C THR C 10 -21.61 -5.29 16.38
N GLY C 11 -22.75 -4.56 16.51
CA GLY C 11 -23.68 -4.30 15.39
C GLY C 11 -24.12 -5.59 14.67
N SER C 12 -24.70 -6.49 15.45
CA SER C 12 -25.01 -7.83 14.95
C SER C 12 -26.47 -8.17 15.20
N THR C 13 -27.32 -7.15 15.41
CA THR C 13 -28.76 -7.42 15.41
C THR C 13 -29.31 -7.61 13.98
N SER C 14 -28.48 -7.32 12.98
CA SER C 14 -28.81 -7.53 11.56
C SER C 14 -27.57 -7.31 10.69
N GLY C 15 -27.77 -7.40 9.38
CA GLY C 15 -26.77 -7.08 8.38
C GLY C 15 -25.54 -7.96 8.49
N ILE C 16 -24.40 -7.38 8.12
CA ILE C 16 -23.08 -8.06 8.16
C ILE C 16 -22.83 -8.77 9.53
N GLY C 17 -23.19 -8.10 10.61
CA GLY C 17 -22.83 -8.59 11.90
C GLY C 17 -23.56 -9.85 12.25
N LEU C 18 -24.83 -9.93 11.83
CA LEU C 18 -25.62 -11.10 12.14
C LEU C 18 -25.15 -12.31 11.26
N GLY C 19 -24.91 -12.07 9.97
CA GLY C 19 -24.30 -13.03 9.05
C GLY C 19 -23.00 -13.67 9.60
N ILE C 20 -22.12 -12.84 10.18
CA ILE C 20 -20.95 -13.29 10.89
C ILE C 20 -21.22 -14.14 12.12
N ALA C 21 -22.09 -13.63 13.00
CA ALA C 21 -22.48 -14.34 14.23
C ALA C 21 -23.07 -15.70 13.85
N GLN C 22 -23.93 -15.71 12.84
CA GLN C 22 -24.55 -16.92 12.30
C GLN C 22 -23.55 -18.05 12.00
N VAL C 23 -22.47 -17.71 11.28
CA VAL C 23 -21.39 -18.66 10.95
C VAL C 23 -20.60 -19.10 12.19
N LEU C 24 -20.20 -18.15 13.06
CA LEU C 24 -19.56 -18.55 14.34
C LEU C 24 -20.45 -19.53 15.13
N ALA C 25 -21.74 -19.22 15.25
CA ALA C 25 -22.77 -20.01 15.91
C ALA C 25 -22.87 -21.44 15.34
N ARG C 26 -22.87 -21.53 14.00
CA ARG C 26 -22.88 -22.79 13.29
C ARG C 26 -21.64 -23.67 13.60
N ALA C 27 -20.48 -23.05 13.80
CA ALA C 27 -19.21 -23.73 14.06
C ALA C 27 -19.04 -24.00 15.55
N GLY C 28 -20.05 -23.59 16.34
CA GLY C 28 -20.14 -24.01 17.74
C GLY C 28 -19.87 -22.91 18.77
N ALA C 29 -19.51 -21.70 18.35
CA ALA C 29 -19.40 -20.64 19.35
C ALA C 29 -20.73 -20.22 20.01
N ASN C 30 -20.69 -20.03 21.34
CA ASN C 30 -21.65 -19.18 22.08
C ASN C 30 -21.54 -17.72 21.58
N ILE C 31 -22.64 -16.94 21.66
CA ILE C 31 -22.66 -15.58 21.01
C ILE C 31 -23.13 -14.48 21.98
N VAL C 32 -22.39 -13.37 22.01
CA VAL C 32 -22.88 -12.11 22.56
C VAL C 32 -23.18 -11.21 21.34
N LEU C 33 -24.46 -11.02 21.07
CA LEU C 33 -24.93 -10.03 20.11
C LEU C 33 -25.00 -8.59 20.73
N ASN C 34 -24.93 -7.58 19.87
CA ASN C 34 -25.04 -6.16 20.25
C ASN C 34 -25.73 -5.39 19.10
N GLY C 35 -26.64 -4.47 19.43
CA GLY C 35 -27.25 -3.69 18.38
C GLY C 35 -28.55 -3.14 18.83
N PHE C 36 -29.13 -2.27 18.00
CA PHE C 36 -30.46 -1.68 18.30
C PHE C 36 -31.57 -2.43 17.57
N GLY C 37 -32.79 -2.01 17.89
CA GLY C 37 -33.98 -2.76 17.53
C GLY C 37 -34.15 -4.02 18.35
N ASP C 38 -35.28 -4.68 18.09
CA ASP C 38 -35.66 -5.93 18.71
C ASP C 38 -34.54 -6.96 18.54
N PRO C 39 -33.99 -7.45 19.68
CA PRO C 39 -32.85 -8.36 19.60
C PRO C 39 -33.26 -9.84 19.39
N ALA C 40 -34.58 -10.11 19.32
CA ALA C 40 -35.19 -11.46 19.40
C ALA C 40 -35.28 -12.34 18.11
N PRO C 41 -35.68 -11.78 16.95
CA PRO C 41 -35.48 -12.54 15.71
C PRO C 41 -34.03 -13.03 15.53
N ALA C 42 -33.08 -12.21 15.98
CA ALA C 42 -31.64 -12.51 15.87
C ALA C 42 -31.10 -13.57 16.86
N LEU C 43 -31.51 -13.44 18.13
CA LEU C 43 -31.26 -14.42 19.20
C LEU C 43 -31.74 -15.83 18.84
N ALA C 44 -32.88 -15.86 18.17
CA ALA C 44 -33.51 -17.11 17.77
C ALA C 44 -32.84 -17.66 16.53
N GLU C 45 -32.14 -16.80 15.80
CA GLU C 45 -31.32 -17.28 14.68
C GLU C 45 -30.10 -18.07 15.22
N ILE C 46 -29.37 -17.43 16.13
CA ILE C 46 -28.17 -17.99 16.71
C ILE C 46 -28.45 -19.28 17.49
N ALA C 47 -29.57 -19.30 18.20
CA ALA C 47 -29.96 -20.45 18.99
C ALA C 47 -30.37 -21.67 18.18
N ARG C 48 -30.81 -21.42 16.95
CA ARG C 48 -31.06 -22.51 16.00
C ARG C 48 -29.85 -23.47 15.94
N HIS C 49 -28.68 -22.99 16.37
CA HIS C 49 -27.46 -23.71 16.15
C HIS C 49 -27.01 -24.60 17.33
N GLY C 50 -27.77 -24.60 18.43
CA GLY C 50 -27.45 -25.54 19.55
C GLY C 50 -26.41 -24.86 20.45
N VAL C 51 -26.72 -23.51 20.70
CA VAL C 51 -25.77 -22.67 21.36
C VAL C 51 -26.51 -21.71 22.31
N LYS C 52 -25.82 -21.24 23.34
CA LYS C 52 -26.40 -20.09 24.10
C LYS C 52 -25.99 -18.73 23.47
N ALA C 53 -26.94 -17.79 23.43
CA ALA C 53 -26.70 -16.45 22.89
C ALA C 53 -27.38 -15.45 23.84
N VAL C 54 -26.78 -14.28 23.92
CA VAL C 54 -27.29 -13.15 24.70
C VAL C 54 -27.05 -11.91 23.84
N HIS C 55 -27.66 -10.80 24.23
CA HIS C 55 -27.60 -9.54 23.53
C HIS C 55 -27.51 -8.46 24.60
N HIS C 56 -26.69 -7.44 24.34
CA HIS C 56 -26.61 -6.25 25.19
C HIS C 56 -26.84 -5.12 24.21
N PRO C 57 -27.71 -4.20 24.58
CA PRO C 57 -27.91 -3.06 23.66
C PRO C 57 -26.86 -1.92 23.72
N ALA C 58 -25.63 -2.13 24.20
CA ALA C 58 -24.64 -1.03 24.23
C ALA C 58 -24.58 -0.13 22.99
N ASP C 59 -24.62 1.17 23.27
CA ASP C 59 -24.33 2.24 22.34
C ASP C 59 -22.83 2.50 22.49
N LEU C 60 -22.07 2.14 21.43
CA LEU C 60 -20.65 1.95 21.54
C LEU C 60 -19.92 3.28 21.40
N SER C 61 -20.67 4.36 21.20
CA SER C 61 -20.05 5.67 21.23
C SER C 61 -20.04 6.16 22.68
N ASP C 62 -20.47 5.31 23.62
CA ASP C 62 -20.45 5.65 25.04
C ASP C 62 -19.58 4.57 25.70
N VAL C 63 -18.38 4.94 26.20
CA VAL C 63 -17.38 3.95 26.72
C VAL C 63 -17.92 3.11 27.87
N ALA C 64 -18.62 3.75 28.82
CA ALA C 64 -19.28 3.06 29.93
C ALA C 64 -20.25 1.99 29.47
N GLN C 65 -20.92 2.20 28.33
CA GLN C 65 -21.82 1.18 27.77
C GLN C 65 -21.04 0.02 27.11
N ILE C 66 -19.93 0.34 26.44
CA ILE C 66 -18.97 -0.68 26.00
C ILE C 66 -18.49 -1.52 27.22
N GLU C 67 -18.16 -0.85 28.31
CA GLU C 67 -17.77 -1.55 29.54
C GLU C 67 -18.83 -2.51 30.08
N ALA C 68 -20.10 -2.11 30.02
CA ALA C 68 -21.20 -2.95 30.56
C ALA C 68 -21.49 -4.13 29.62
N LEU C 69 -21.28 -3.88 28.36
CA LEU C 69 -21.24 -4.94 27.35
C LEU C 69 -20.20 -6.03 27.65
N PHE C 70 -18.93 -5.63 27.83
CA PHE C 70 -17.89 -6.57 28.18
C PHE C 70 -18.09 -7.22 29.55
N ALA C 71 -18.69 -6.46 30.48
CA ALA C 71 -19.04 -6.98 31.84
C ALA C 71 -20.12 -8.08 31.78
N LEU C 72 -21.18 -7.86 31.00
CA LEU C 72 -22.09 -8.97 30.63
C LEU C 72 -21.45 -10.25 30.02
N ALA C 73 -20.47 -10.09 29.14
CA ALA C 73 -19.74 -11.26 28.59
C ALA C 73 -18.86 -11.99 29.63
N GLU C 74 -18.26 -11.23 30.56
CA GLU C 74 -17.46 -11.80 31.67
C GLU C 74 -18.26 -12.65 32.62
N ARG C 75 -19.46 -12.17 32.96
CA ARG C 75 -20.38 -12.81 33.92
C ARG C 75 -21.13 -14.02 33.33
N GLU C 76 -21.41 -13.91 32.04
CA GLU C 76 -22.23 -14.86 31.30
C GLU C 76 -21.43 -16.04 30.70
N PHE C 77 -20.25 -15.76 30.13
CA PHE C 77 -19.41 -16.85 29.59
C PHE C 77 -17.96 -16.93 30.10
N GLY C 78 -17.58 -16.04 31.01
CA GLY C 78 -16.19 -15.97 31.44
C GLY C 78 -15.30 -15.20 30.50
N GLY C 79 -15.92 -14.36 29.66
CA GLY C 79 -15.17 -13.49 28.79
C GLY C 79 -15.25 -13.88 27.32
N VAL C 80 -14.77 -12.95 26.49
CA VAL C 80 -14.78 -13.04 25.01
C VAL C 80 -13.51 -13.66 24.47
N ASP C 81 -13.67 -14.76 23.70
CA ASP C 81 -12.57 -15.42 22.98
C ASP C 81 -12.39 -14.94 21.53
N ILE C 82 -13.49 -14.55 20.89
CA ILE C 82 -13.50 -14.03 19.53
C ILE C 82 -14.22 -12.72 19.57
N LEU C 83 -13.51 -11.64 19.29
CA LEU C 83 -14.13 -10.36 19.15
C LEU C 83 -14.18 -9.96 17.69
N VAL C 84 -15.37 -9.80 17.14
CA VAL C 84 -15.56 -9.22 15.82
C VAL C 84 -16.01 -7.74 15.97
N ASN C 85 -15.14 -6.77 15.71
CA ASN C 85 -15.56 -5.38 15.80
C ASN C 85 -16.14 -4.94 14.47
N ASN C 86 -17.45 -4.81 14.40
CA ASN C 86 -18.18 -4.70 13.15
C ASN C 86 -19.07 -3.44 13.00
N ALA C 87 -19.70 -2.98 14.06
CA ALA C 87 -20.56 -1.84 13.99
C ALA C 87 -20.01 -0.59 13.27
N GLY C 88 -20.86 0.06 12.51
CA GLY C 88 -20.38 1.24 11.83
C GLY C 88 -21.53 2.13 11.46
N ILE C 89 -21.22 3.40 11.21
CA ILE C 89 -22.18 4.38 10.76
C ILE C 89 -21.52 5.23 9.63
N GLN C 90 -22.33 5.88 8.84
CA GLN C 90 -21.83 6.54 7.70
C GLN C 90 -22.46 7.90 7.62
N HIS C 91 -21.76 8.87 7.00
CA HIS C 91 -22.39 10.13 6.61
C HIS C 91 -21.66 10.62 5.40
N VAL C 92 -22.37 10.96 4.32
CA VAL C 92 -21.74 11.41 3.08
C VAL C 92 -21.92 12.92 2.92
N ALA C 93 -20.80 13.67 2.98
CA ALA C 93 -20.83 15.13 2.63
C ALA C 93 -19.39 15.67 2.35
N PRO C 94 -19.24 16.70 1.50
CA PRO C 94 -17.92 17.32 1.24
C PRO C 94 -17.22 17.65 2.56
N VAL C 95 -15.89 17.56 2.66
CA VAL C 95 -15.24 17.75 4.01
C VAL C 95 -15.66 19.09 4.72
N GLU C 96 -15.79 20.17 3.94
CA GLU C 96 -16.10 21.53 4.46
C GLU C 96 -17.61 21.80 4.68
N GLN C 97 -18.48 20.86 4.28
CA GLN C 97 -19.88 20.85 4.63
C GLN C 97 -20.21 19.68 5.55
N PHE C 98 -19.20 19.01 6.10
CA PHE C 98 -19.39 17.87 6.97
C PHE C 98 -19.91 18.34 8.37
N PRO C 99 -21.08 17.80 8.86
CA PRO C 99 -21.58 18.08 10.21
C PRO C 99 -20.54 17.70 11.24
N LEU C 100 -20.34 18.61 12.19
CA LEU C 100 -19.26 18.45 13.17
C LEU C 100 -19.51 17.24 14.09
N GLU C 101 -20.78 17.01 14.42
CA GLU C 101 -21.17 15.94 15.32
C GLU C 101 -21.08 14.58 14.59
N SER C 102 -21.31 14.58 13.27
CA SER C 102 -21.14 13.38 12.40
C SER C 102 -19.70 12.95 12.41
N TRP C 103 -18.80 13.91 12.22
CA TRP C 103 -17.37 13.64 12.41
C TRP C 103 -17.06 12.89 13.71
N ASP C 104 -17.42 13.46 14.84
CA ASP C 104 -17.16 12.89 16.15
C ASP C 104 -17.86 11.55 16.38
N LYS C 105 -19.08 11.45 15.91
CA LYS C 105 -19.83 10.23 16.06
C LYS C 105 -19.24 9.07 15.23
N ILE C 106 -18.93 9.37 13.97
CA ILE C 106 -18.26 8.39 13.12
C ILE C 106 -16.90 7.96 13.70
N ILE C 107 -16.08 8.92 14.18
CA ILE C 107 -14.77 8.57 14.80
C ILE C 107 -15.02 7.70 16.05
N ALA C 108 -15.97 8.10 16.92
CA ALA C 108 -16.31 7.36 18.12
C ALA C 108 -16.74 5.90 17.85
N LEU C 109 -17.64 5.73 16.90
CA LEU C 109 -18.15 4.39 16.71
C LEU C 109 -17.23 3.50 15.84
N ASN C 110 -16.70 4.09 14.75
CA ASN C 110 -15.97 3.27 13.73
C ASN C 110 -14.56 3.05 14.13
N LEU C 111 -14.04 3.90 15.01
CA LEU C 111 -12.64 3.80 15.36
C LEU C 111 -12.42 3.56 16.82
N SER C 112 -12.81 4.54 17.66
CA SER C 112 -12.64 4.46 19.14
C SER C 112 -13.28 3.25 19.80
N ALA C 113 -14.49 2.92 19.39
CA ALA C 113 -15.07 1.67 19.87
C ALA C 113 -14.19 0.40 19.66
N VAL C 114 -13.40 0.35 18.58
CA VAL C 114 -12.58 -0.83 18.23
C VAL C 114 -11.40 -0.95 19.21
N PHE C 115 -10.74 0.18 19.47
CA PHE C 115 -9.75 0.27 20.55
C PHE C 115 -10.40 -0.10 21.92
N HIS C 116 -11.58 0.49 22.26
CA HIS C 116 -12.25 0.06 23.51
C HIS C 116 -12.55 -1.48 23.59
N GLY C 117 -13.25 -2.01 22.60
CA GLY C 117 -13.44 -3.46 22.46
C GLY C 117 -12.20 -4.30 22.68
N THR C 118 -11.13 -3.94 21.99
CA THR C 118 -9.90 -4.68 22.01
C THR C 118 -9.19 -4.65 23.35
N ARG C 119 -9.05 -3.45 23.90
CA ARG C 119 -8.51 -3.31 25.25
C ARG C 119 -9.29 -4.16 26.32
N LEU C 120 -10.61 -4.24 26.20
CA LEU C 120 -11.42 -4.95 27.18
C LEU C 120 -11.35 -6.48 26.93
N ALA C 121 -11.14 -6.93 25.68
CA ALA C 121 -11.15 -8.39 25.43
C ALA C 121 -9.75 -8.99 25.58
N LEU C 122 -8.72 -8.18 25.39
CA LEU C 122 -7.40 -8.78 25.16
C LEU C 122 -6.77 -9.45 26.40
N PRO C 123 -6.90 -8.83 27.60
CA PRO C 123 -6.49 -9.57 28.83
C PRO C 123 -6.94 -11.03 28.97
N GLY C 124 -8.24 -11.30 28.77
CA GLY C 124 -8.78 -12.67 28.92
C GLY C 124 -8.28 -13.57 27.80
N MET C 125 -8.13 -13.01 26.58
CA MET C 125 -7.55 -13.78 25.47
C MET C 125 -6.15 -14.28 25.83
N ARG C 126 -5.35 -13.37 26.34
CA ARG C 126 -3.99 -13.69 26.72
C ARG C 126 -3.93 -14.73 27.87
N ALA C 127 -4.67 -14.45 28.96
CA ALA C 127 -4.84 -15.39 30.06
C ALA C 127 -5.26 -16.81 29.64
N ARG C 128 -6.23 -16.94 28.73
CA ARG C 128 -6.75 -18.26 28.30
C ARG C 128 -5.95 -18.87 27.21
N ASN C 129 -4.83 -18.19 26.85
CA ASN C 129 -3.84 -18.70 25.86
C ASN C 129 -4.35 -18.94 24.44
N TRP C 130 -5.26 -18.08 23.97
CA TRP C 130 -5.83 -18.16 22.63
C TRP C 130 -6.77 -16.95 22.49
N GLY C 131 -6.80 -16.38 21.30
CA GLY C 131 -7.64 -15.21 20.99
C GLY C 131 -7.76 -14.88 19.52
N ARG C 132 -8.91 -14.34 19.10
CA ARG C 132 -9.01 -13.81 17.72
C ARG C 132 -9.75 -12.45 17.80
N ILE C 133 -9.08 -11.40 17.30
CA ILE C 133 -9.70 -10.12 17.06
C ILE C 133 -9.82 -9.81 15.57
N ILE C 134 -11.07 -9.63 15.12
CA ILE C 134 -11.36 -9.38 13.73
C ILE C 134 -12.15 -8.07 13.58
N ASN C 135 -11.45 -7.06 13.06
CA ASN C 135 -12.06 -5.80 12.79
C ASN C 135 -12.69 -5.73 11.37
N ILE C 136 -13.98 -5.48 11.27
CA ILE C 136 -14.53 -5.33 9.91
C ILE C 136 -14.34 -3.88 9.55
N ALA C 137 -13.38 -3.61 8.69
CA ALA C 137 -12.97 -2.25 8.37
C ALA C 137 -13.71 -1.96 7.05
N SER C 138 -13.01 -1.76 5.92
CA SER C 138 -13.64 -1.42 4.67
C SER C 138 -12.54 -1.25 3.64
N VAL C 139 -12.87 -1.23 2.33
CA VAL C 139 -11.96 -0.71 1.28
C VAL C 139 -11.54 0.75 1.64
N HIS C 140 -12.38 1.40 2.43
CA HIS C 140 -12.18 2.79 2.84
C HIS C 140 -11.19 2.87 4.00
N GLY C 141 -10.68 1.71 4.40
CA GLY C 141 -9.54 1.70 5.27
C GLY C 141 -8.24 1.69 4.49
N LEU C 142 -8.33 1.62 3.17
CA LEU C 142 -7.17 1.48 2.23
C LEU C 142 -7.06 2.56 1.16
N VAL C 143 -8.22 3.03 0.64
CA VAL C 143 -8.34 4.18 -0.28
C VAL C 143 -9.48 5.17 0.16
N GLY C 144 -9.56 6.32 -0.52
CA GLY C 144 -10.60 7.28 -0.25
C GLY C 144 -11.71 7.25 -1.28
N SER C 145 -12.79 7.99 -0.97
CA SER C 145 -13.86 8.29 -1.89
C SER C 145 -14.29 9.69 -1.52
N THR C 146 -14.77 10.44 -2.49
CA THR C 146 -15.25 11.78 -2.23
C THR C 146 -16.49 11.68 -1.30
N GLY C 147 -16.61 12.64 -0.37
CA GLY C 147 -17.72 12.67 0.61
C GLY C 147 -17.62 11.83 1.87
N LYS C 148 -16.58 11.04 2.00
CA LYS C 148 -16.49 10.15 3.13
C LYS C 148 -15.37 10.47 4.08
N ALA C 149 -15.14 11.75 4.37
CA ALA C 149 -13.96 12.17 5.17
C ALA C 149 -13.86 11.38 6.47
N ALA C 150 -14.95 11.40 7.26
CA ALA C 150 -14.96 10.73 8.56
C ALA C 150 -14.87 9.21 8.50
N TYR C 151 -15.65 8.62 7.61
CA TYR C 151 -15.58 7.18 7.46
C TYR C 151 -14.21 6.63 6.98
N VAL C 152 -13.63 7.26 5.93
CA VAL C 152 -12.34 6.81 5.44
C VAL C 152 -11.28 7.06 6.51
N ALA C 153 -11.36 8.19 7.21
CA ALA C 153 -10.43 8.46 8.27
C ALA C 153 -10.54 7.38 9.37
N ALA C 154 -11.77 7.10 9.86
CA ALA C 154 -11.95 6.06 10.93
C ALA C 154 -11.47 4.69 10.47
N LYS C 155 -11.88 4.29 9.25
CA LYS C 155 -11.54 2.90 8.71
C LYS C 155 -10.02 2.69 8.49
N HIS C 156 -9.35 3.73 8.02
CA HIS C 156 -7.91 3.78 8.02
C HIS C 156 -7.28 3.59 9.39
N GLY C 157 -7.82 4.32 10.39
CA GLY C 157 -7.38 4.21 11.79
C GLY C 157 -7.48 2.77 12.28
N VAL C 158 -8.55 2.10 11.90
CA VAL C 158 -8.76 0.66 12.21
C VAL C 158 -7.72 -0.23 11.61
N VAL C 159 -7.45 -0.03 10.31
CA VAL C 159 -6.39 -0.78 9.59
C VAL C 159 -5.05 -0.60 10.34
N GLY C 160 -4.82 0.61 10.86
CA GLY C 160 -3.54 0.84 11.52
C GLY C 160 -3.47 0.30 12.92
N LEU C 161 -4.53 0.51 13.69
CA LEU C 161 -4.71 -0.17 14.97
C LEU C 161 -4.61 -1.71 14.83
N THR C 162 -5.19 -2.29 13.79
CA THR C 162 -4.97 -3.73 13.54
C THR C 162 -3.47 -4.19 13.55
N LYS C 163 -2.59 -3.40 12.90
CA LYS C 163 -1.23 -3.72 12.72
C LYS C 163 -0.58 -3.67 14.08
N VAL C 164 -0.79 -2.58 14.84
CA VAL C 164 -0.25 -2.44 16.14
C VAL C 164 -0.66 -3.64 17.03
N VAL C 165 -1.94 -4.01 16.99
CA VAL C 165 -2.41 -5.04 17.88
C VAL C 165 -1.90 -6.40 17.36
N GLY C 166 -1.95 -6.64 16.03
CA GLY C 166 -1.26 -7.87 15.51
C GLY C 166 0.23 -8.02 15.91
N LEU C 167 1.00 -6.93 15.86
CA LEU C 167 2.39 -6.94 16.36
C LEU C 167 2.51 -7.16 17.83
N GLU C 168 1.66 -6.50 18.64
CA GLU C 168 1.79 -6.64 20.13
C GLU C 168 1.49 -8.07 20.68
N THR C 169 0.73 -8.82 19.90
CA THR C 169 0.32 -10.21 20.23
C THR C 169 1.01 -11.25 19.34
N ALA C 170 2.01 -10.82 18.55
CA ALA C 170 2.70 -11.71 17.62
C ALA C 170 3.25 -13.00 18.20
N THR C 171 3.83 -12.88 19.40
CA THR C 171 4.45 -13.99 20.03
C THR C 171 3.47 -14.74 20.98
N SER C 172 2.16 -14.66 20.75
CA SER C 172 1.12 -15.34 21.56
C SER C 172 0.18 -16.10 20.59
N ASN C 173 -0.83 -16.83 21.09
CA ASN C 173 -1.80 -17.44 20.18
C ASN C 173 -3.00 -16.52 19.90
N VAL C 174 -2.95 -15.25 20.32
CA VAL C 174 -3.93 -14.22 19.99
C VAL C 174 -3.46 -13.52 18.68
N THR C 175 -4.35 -13.45 17.70
CA THR C 175 -4.17 -12.70 16.45
C THR C 175 -5.19 -11.58 16.39
N CYS C 176 -4.80 -10.47 15.72
CA CYS C 176 -5.71 -9.40 15.35
C CYS C 176 -5.52 -9.13 13.89
N ASN C 177 -6.65 -9.03 13.15
CA ASN C 177 -6.67 -8.76 11.70
C ASN C 177 -7.91 -8.02 11.30
N ALA C 178 -7.89 -7.47 10.09
CA ALA C 178 -8.99 -6.67 9.54
C ALA C 178 -9.50 -7.31 8.29
N ILE C 179 -10.81 -7.31 8.07
CA ILE C 179 -11.35 -7.60 6.76
C ILE C 179 -11.85 -6.31 6.14
N CYS C 180 -11.56 -6.15 4.86
CA CYS C 180 -11.90 -4.87 4.17
C CYS C 180 -12.92 -5.08 3.04
N PRO C 181 -14.22 -5.09 3.37
CA PRO C 181 -15.23 -5.34 2.29
C PRO C 181 -15.51 -4.12 1.38
N GLY C 182 -15.86 -4.40 0.13
CA GLY C 182 -16.37 -3.39 -0.81
C GLY C 182 -17.86 -3.30 -0.52
N TRP C 183 -18.69 -3.18 -1.57
CA TRP C 183 -20.14 -3.14 -1.37
C TRP C 183 -20.66 -4.45 -0.84
N VAL C 184 -21.49 -4.37 0.19
CA VAL C 184 -22.16 -5.51 0.78
C VAL C 184 -23.63 -5.27 0.71
N LEU C 185 -24.33 -6.33 0.33
CA LEU C 185 -25.74 -6.38 0.30
C LEU C 185 -26.32 -6.51 1.71
N THR C 186 -26.50 -5.35 2.36
CA THR C 186 -26.95 -5.26 3.75
C THR C 186 -28.45 -4.94 3.76
N PRO C 187 -29.12 -5.06 4.94
CA PRO C 187 -30.54 -4.68 5.02
C PRO C 187 -30.77 -3.23 4.54
N LEU C 188 -30.02 -2.27 5.15
CA LEU C 188 -29.89 -0.87 4.68
C LEU C 188 -29.59 -0.66 3.13
N VAL C 189 -28.72 -1.45 2.50
CA VAL C 189 -28.53 -1.31 1.04
C VAL C 189 -29.74 -1.90 0.32
N GLN C 190 -30.21 -3.07 0.76
CA GLN C 190 -31.50 -3.56 0.23
C GLN C 190 -32.62 -2.51 0.24
N LYS C 191 -32.80 -1.84 1.38
CA LYS C 191 -33.82 -0.79 1.57
C LYS C 191 -33.63 0.36 0.59
N GLN C 192 -32.39 0.83 0.47
CA GLN C 192 -31.98 1.73 -0.58
C GLN C 192 -32.55 1.27 -1.91
N ILE C 193 -32.08 0.10 -2.39
CA ILE C 193 -32.50 -0.45 -3.67
C ILE C 193 -34.05 -0.45 -3.81
N ASP C 194 -34.75 -0.76 -2.73
CA ASP C 194 -36.23 -0.81 -2.71
C ASP C 194 -36.88 0.58 -2.91
N ASP C 195 -36.35 1.58 -2.19
CA ASP C 195 -36.76 2.98 -2.31
C ASP C 195 -36.81 3.43 -3.80
N GLY C 200 -40.30 4.08 -8.39
CA GLY C 200 -39.85 3.95 -9.65
C GLY C 200 -38.46 3.19 -9.92
N GLY C 201 -37.80 3.61 -11.09
CA GLY C 201 -36.55 2.86 -11.55
C GLY C 201 -36.88 1.33 -11.44
N ASP C 202 -35.84 0.50 -11.20
CA ASP C 202 -35.86 -0.96 -11.34
C ASP C 202 -34.69 -1.50 -10.46
N PRO C 203 -34.87 -2.69 -9.82
CA PRO C 203 -33.82 -3.21 -8.90
C PRO C 203 -32.39 -3.48 -9.50
N LEU C 204 -32.33 -4.03 -10.71
CA LEU C 204 -31.05 -4.27 -11.38
C LEU C 204 -30.22 -3.00 -11.60
N GLN C 205 -30.84 -1.98 -12.22
CA GLN C 205 -30.15 -0.75 -12.55
C GLN C 205 -29.85 0.13 -11.36
N ALA C 206 -30.61 0.02 -10.27
CA ALA C 206 -30.25 0.70 -9.01
C ALA C 206 -28.94 0.11 -8.43
N GLN C 207 -28.87 -1.20 -8.47
CA GLN C 207 -27.76 -1.91 -7.91
C GLN C 207 -26.51 -1.76 -8.82
N HIS C 208 -26.70 -1.85 -10.15
CA HIS C 208 -25.67 -1.48 -11.14
C HIS C 208 -25.17 -0.04 -11.01
N ASP C 209 -26.09 0.89 -10.77
CA ASP C 209 -25.73 2.28 -10.66
C ASP C 209 -24.92 2.57 -9.37
N LEU C 210 -25.16 1.77 -8.34
CA LEU C 210 -24.36 1.75 -7.12
C LEU C 210 -22.94 1.20 -7.33
N LEU C 211 -22.85 0.07 -8.03
CA LEU C 211 -21.61 -0.69 -8.10
C LEU C 211 -20.64 -0.26 -9.22
N ALA C 212 -21.16 0.38 -10.25
CA ALA C 212 -20.43 0.55 -11.56
C ALA C 212 -19.09 1.28 -11.41
N GLU C 213 -19.08 2.36 -10.60
CA GLU C 213 -17.88 3.19 -10.49
C GLU C 213 -16.72 2.50 -9.69
N LYS C 214 -17.04 1.79 -8.64
CA LYS C 214 -15.98 1.38 -7.68
C LYS C 214 -15.64 -0.13 -7.67
N GLN C 215 -16.64 -0.91 -8.11
CA GLN C 215 -16.64 -2.36 -7.93
C GLN C 215 -16.74 -3.13 -9.26
N PRO C 216 -15.56 -3.41 -9.89
CA PRO C 216 -15.49 -4.00 -11.21
C PRO C 216 -16.27 -5.29 -11.38
N SER C 217 -16.45 -6.08 -10.31
CA SER C 217 -17.25 -7.31 -10.51
C SER C 217 -18.70 -7.03 -10.77
N LEU C 218 -19.17 -5.80 -10.44
CA LEU C 218 -20.61 -5.42 -10.56
C LEU C 218 -21.52 -6.41 -9.81
N ALA C 219 -21.00 -6.95 -8.71
CA ALA C 219 -21.72 -7.91 -7.90
C ALA C 219 -21.42 -7.67 -6.43
N PHE C 220 -22.42 -7.84 -5.56
CA PHE C 220 -22.22 -7.50 -4.14
C PHE C 220 -21.36 -8.61 -3.46
N VAL C 221 -20.67 -8.25 -2.38
CA VAL C 221 -20.17 -9.23 -1.42
C VAL C 221 -21.42 -9.55 -0.55
N THR C 222 -21.50 -10.71 0.06
CA THR C 222 -22.57 -11.01 0.99
C THR C 222 -22.02 -11.08 2.41
N PRO C 223 -22.90 -10.82 3.42
CA PRO C 223 -22.53 -11.10 4.86
C PRO C 223 -21.97 -12.53 5.04
N GLU C 224 -22.62 -13.50 4.41
CA GLU C 224 -22.22 -14.91 4.56
C GLU C 224 -20.77 -15.14 4.04
N HIS C 225 -20.38 -14.46 2.94
CA HIS C 225 -18.97 -14.51 2.44
C HIS C 225 -18.02 -14.07 3.59
N LEU C 226 -18.41 -13.01 4.30
CA LEU C 226 -17.59 -12.32 5.28
C LEU C 226 -17.52 -13.19 6.53
N GLY C 227 -18.67 -13.75 6.91
CA GLY C 227 -18.79 -14.80 7.91
C GLY C 227 -17.86 -15.97 7.73
N GLU C 228 -17.88 -16.55 6.54
CA GLU C 228 -16.88 -17.59 6.24
C GLU C 228 -15.38 -17.16 6.34
N LEU C 229 -15.05 -15.95 5.93
CA LEU C 229 -13.68 -15.47 6.07
C LEU C 229 -13.32 -15.33 7.59
N VAL C 230 -14.23 -14.71 8.34
CA VAL C 230 -14.04 -14.70 9.81
C VAL C 230 -13.71 -16.10 10.38
N LEU C 231 -14.55 -17.09 10.06
CA LEU C 231 -14.35 -18.50 10.47
C LEU C 231 -12.97 -19.01 10.04
N PHE C 232 -12.61 -18.75 8.77
CA PHE C 232 -11.24 -18.93 8.36
C PHE C 232 -10.14 -18.28 9.32
N LEU C 233 -10.23 -17.00 9.60
CA LEU C 233 -9.28 -16.39 10.51
C LEU C 233 -9.22 -17.04 11.89
N CYS C 234 -10.36 -17.62 12.33
CA CYS C 234 -10.46 -18.30 13.61
C CYS C 234 -9.92 -19.71 13.61
N SER C 235 -9.69 -20.35 12.44
CA SER C 235 -9.10 -21.71 12.38
C SER C 235 -7.58 -21.65 12.66
N GLU C 236 -6.96 -22.83 12.87
CA GLU C 236 -5.51 -22.95 12.94
C GLU C 236 -4.72 -22.36 11.71
N ALA C 237 -5.32 -22.38 10.51
CA ALA C 237 -4.70 -21.86 9.30
C ALA C 237 -4.63 -20.33 9.33
N GLY C 238 -5.43 -19.76 10.24
CA GLY C 238 -5.35 -18.36 10.57
C GLY C 238 -4.31 -18.00 11.63
N SER C 239 -3.61 -18.99 12.21
CA SER C 239 -2.70 -18.71 13.38
C SER C 239 -1.47 -17.75 13.18
N GLN C 240 -0.93 -17.73 11.97
CA GLN C 240 0.16 -16.80 11.57
C GLN C 240 -0.33 -15.69 10.61
N VAL C 241 -1.67 -15.48 10.52
CA VAL C 241 -2.22 -14.28 9.91
C VAL C 241 -2.27 -13.25 11.05
N ARG C 242 -1.45 -12.21 10.93
CA ARG C 242 -1.26 -11.27 12.05
C ARG C 242 -1.12 -9.83 11.56
N GLY C 243 -1.95 -8.97 12.10
CA GLY C 243 -1.95 -7.58 11.69
C GLY C 243 -2.30 -7.36 10.22
N ALA C 244 -3.03 -8.29 9.63
CA ALA C 244 -3.34 -8.16 8.20
C ALA C 244 -4.63 -7.38 7.95
N ALA C 245 -4.72 -6.84 6.75
CA ALA C 245 -6.01 -6.20 6.26
C ALA C 245 -6.43 -6.83 4.92
N TRP C 246 -7.27 -7.84 4.95
CA TRP C 246 -7.61 -8.58 3.71
C TRP C 246 -8.88 -8.03 3.02
N ASN C 247 -8.79 -7.67 1.75
CA ASN C 247 -9.95 -7.14 1.09
C ASN C 247 -10.78 -8.16 0.34
N VAL C 248 -12.06 -8.05 0.56
CA VAL C 248 -13.13 -8.73 -0.17
C VAL C 248 -13.99 -7.72 -0.89
N ASP C 249 -13.73 -7.54 -2.19
CA ASP C 249 -14.15 -6.27 -2.72
C ASP C 249 -14.53 -6.20 -4.22
N GLY C 250 -14.58 -7.37 -4.86
CA GLY C 250 -14.94 -7.48 -6.25
C GLY C 250 -14.02 -6.74 -7.20
N GLY C 251 -12.75 -6.57 -6.82
CA GLY C 251 -11.70 -5.83 -7.60
C GLY C 251 -11.50 -4.36 -7.29
N TRP C 252 -12.19 -3.81 -6.27
CA TRP C 252 -12.12 -2.40 -5.91
C TRP C 252 -10.67 -1.83 -5.75
N LEU C 253 -9.88 -2.49 -4.88
CA LEU C 253 -8.50 -2.16 -4.65
C LEU C 253 -7.50 -2.51 -5.77
N ALA C 254 -7.84 -3.43 -6.66
CA ALA C 254 -6.92 -3.87 -7.78
C ALA C 254 -6.61 -2.78 -8.84
N GLN C 255 -7.55 -1.87 -9.07
CA GLN C 255 -7.38 -0.71 -9.98
C GLN C 255 -7.08 0.60 -9.22
N THR D 1 -17.59 -30.49 -2.53
CA THR D 1 -17.18 -29.04 -2.89
C THR D 1 -16.10 -28.97 -3.99
N LEU D 2 -14.96 -29.66 -3.81
CA LEU D 2 -13.97 -29.80 -4.91
C LEU D 2 -13.98 -31.12 -5.71
N LYS D 3 -14.77 -32.11 -5.29
CA LYS D 3 -14.97 -33.29 -6.14
C LYS D 3 -15.40 -32.90 -7.58
N GLY D 4 -14.72 -33.53 -8.54
CA GLY D 4 -14.81 -33.16 -9.95
C GLY D 4 -14.18 -31.80 -10.32
N LYS D 5 -13.35 -31.24 -9.46
CA LYS D 5 -12.46 -30.16 -9.93
C LYS D 5 -11.09 -30.77 -10.20
N THR D 6 -10.34 -30.12 -11.08
CA THR D 6 -8.94 -30.44 -11.35
C THR D 6 -8.00 -29.28 -11.00
N ALA D 7 -7.03 -29.54 -10.12
CA ALA D 7 -6.12 -28.46 -9.76
C ALA D 7 -4.70 -28.77 -10.29
N LEU D 8 -4.06 -27.76 -10.90
CA LEU D 8 -2.69 -27.90 -11.32
C LEU D 8 -1.93 -27.05 -10.36
N VAL D 9 -0.98 -27.66 -9.63
CA VAL D 9 -0.08 -26.87 -8.75
C VAL D 9 1.34 -26.97 -9.27
N THR D 10 1.93 -25.83 -9.62
CA THR D 10 3.33 -25.85 -10.11
C THR D 10 4.29 -26.01 -8.89
N GLY D 11 5.45 -26.60 -9.08
CA GLY D 11 6.38 -26.75 -7.92
C GLY D 11 5.73 -27.51 -6.75
N SER D 12 5.11 -28.66 -7.05
CA SER D 12 4.35 -29.45 -6.07
C SER D 12 4.85 -30.88 -5.79
N THR D 13 6.10 -31.17 -6.13
CA THR D 13 6.73 -32.42 -5.70
C THR D 13 7.29 -32.35 -4.26
N SER D 14 7.21 -31.15 -3.66
CA SER D 14 7.59 -30.94 -2.28
C SER D 14 7.20 -29.55 -1.73
N GLY D 15 7.37 -29.41 -0.42
CA GLY D 15 7.22 -28.16 0.34
C GLY D 15 5.89 -27.46 0.24
N ILE D 16 5.92 -26.22 -0.23
CA ILE D 16 4.69 -25.41 -0.34
C ILE D 16 3.69 -25.98 -1.38
N GLY D 17 4.19 -26.32 -2.56
CA GLY D 17 3.31 -26.86 -3.62
C GLY D 17 2.59 -28.14 -3.18
N LEU D 18 3.34 -29.05 -2.52
CA LEU D 18 2.83 -30.37 -2.14
C LEU D 18 1.77 -30.23 -1.02
N GLY D 19 2.06 -29.37 -0.03
CA GLY D 19 1.08 -29.14 1.06
C GLY D 19 -0.21 -28.56 0.51
N ILE D 20 -0.09 -27.66 -0.48
CA ILE D 20 -1.27 -27.10 -1.17
C ILE D 20 -2.00 -28.19 -1.87
N ALA D 21 -1.30 -28.98 -2.71
CA ALA D 21 -1.96 -30.02 -3.53
C ALA D 21 -2.64 -31.02 -2.66
N GLN D 22 -2.01 -31.35 -1.51
CA GLN D 22 -2.59 -32.24 -0.46
C GLN D 22 -3.90 -31.75 0.16
N VAL D 23 -3.98 -30.47 0.43
CA VAL D 23 -5.24 -29.90 0.94
C VAL D 23 -6.33 -29.95 -0.12
N LEU D 24 -5.97 -29.63 -1.36
CA LEU D 24 -6.95 -29.70 -2.44
C LEU D 24 -7.40 -31.13 -2.66
N ALA D 25 -6.45 -32.06 -2.42
CA ALA D 25 -6.70 -33.49 -2.55
C ALA D 25 -7.68 -33.96 -1.47
N ARG D 26 -7.48 -33.56 -0.20
CA ARG D 26 -8.43 -33.91 0.87
C ARG D 26 -9.86 -33.38 0.56
N ALA D 27 -9.94 -32.22 -0.10
CA ALA D 27 -11.21 -31.64 -0.53
C ALA D 27 -11.80 -32.32 -1.80
N GLY D 28 -11.11 -33.32 -2.33
CA GLY D 28 -11.58 -34.04 -3.52
C GLY D 28 -11.23 -33.64 -4.95
N ALA D 29 -10.28 -32.72 -5.15
CA ALA D 29 -9.88 -32.32 -6.53
C ALA D 29 -8.95 -33.37 -7.17
N ASN D 30 -9.10 -33.62 -8.49
CA ASN D 30 -8.07 -34.38 -9.26
C ASN D 30 -6.80 -33.49 -9.19
N ILE D 31 -5.60 -34.04 -9.08
CA ILE D 31 -4.39 -33.17 -8.88
C ILE D 31 -3.37 -33.38 -10.04
N VAL D 32 -2.85 -32.28 -10.61
CA VAL D 32 -1.67 -32.38 -11.50
C VAL D 32 -0.53 -31.78 -10.75
N LEU D 33 0.41 -32.64 -10.40
CA LEU D 33 1.70 -32.28 -9.79
C LEU D 33 2.71 -31.81 -10.85
N ASN D 34 3.70 -31.03 -10.44
CA ASN D 34 4.77 -30.62 -11.35
C ASN D 34 6.03 -30.41 -10.52
N GLY D 35 7.18 -30.79 -11.06
CA GLY D 35 8.42 -30.47 -10.41
C GLY D 35 9.48 -31.49 -10.69
N PHE D 36 10.62 -31.24 -10.08
CA PHE D 36 11.80 -31.98 -10.36
C PHE D 36 11.99 -33.20 -9.45
N GLY D 37 12.68 -34.22 -9.99
CA GLY D 37 12.90 -35.47 -9.28
C GLY D 37 11.77 -36.48 -9.39
N ASP D 38 12.00 -37.64 -8.76
CA ASP D 38 11.00 -38.71 -8.62
C ASP D 38 9.66 -38.23 -8.05
N PRO D 39 8.61 -38.27 -8.88
CA PRO D 39 7.30 -37.80 -8.39
C PRO D 39 6.53 -38.78 -7.45
N ALA D 40 6.97 -40.05 -7.40
CA ALA D 40 6.41 -41.09 -6.49
C ALA D 40 5.97 -40.65 -5.06
N PRO D 41 6.91 -40.15 -4.21
CA PRO D 41 6.54 -39.76 -2.83
C PRO D 41 5.45 -38.68 -2.70
N ALA D 42 5.50 -37.65 -3.54
CA ALA D 42 4.41 -36.68 -3.65
C ALA D 42 3.13 -37.33 -4.18
N LEU D 43 3.21 -38.14 -5.23
CA LEU D 43 2.03 -38.86 -5.74
C LEU D 43 1.31 -39.82 -4.70
N ALA D 44 2.08 -40.34 -3.73
CA ALA D 44 1.49 -41.22 -2.70
C ALA D 44 0.85 -40.37 -1.57
N GLU D 45 1.51 -39.26 -1.23
CA GLU D 45 0.96 -38.24 -0.35
C GLU D 45 -0.40 -37.76 -0.78
N ILE D 46 -0.68 -37.90 -2.09
CA ILE D 46 -1.93 -37.43 -2.75
C ILE D 46 -2.88 -38.64 -2.89
N ALA D 47 -2.44 -39.63 -3.70
CA ALA D 47 -3.27 -40.78 -4.02
C ALA D 47 -3.98 -41.40 -2.81
N ARG D 48 -3.23 -41.48 -1.68
CA ARG D 48 -3.85 -41.96 -0.35
C ARG D 48 -5.09 -41.18 0.18
N HIS D 49 -5.34 -39.96 -0.32
CA HIS D 49 -6.65 -39.27 -0.05
C HIS D 49 -7.81 -39.74 -0.95
N GLY D 50 -7.58 -40.79 -1.76
CA GLY D 50 -8.64 -41.43 -2.53
C GLY D 50 -9.02 -40.67 -3.78
N VAL D 51 -7.99 -40.16 -4.48
CA VAL D 51 -8.17 -39.22 -5.57
C VAL D 51 -7.22 -39.69 -6.73
N LYS D 52 -7.53 -39.31 -8.01
CA LYS D 52 -6.55 -39.48 -9.12
C LYS D 52 -5.48 -38.32 -9.17
N ALA D 53 -4.17 -38.68 -9.22
CA ALA D 53 -3.08 -37.66 -9.42
C ALA D 53 -2.07 -38.08 -10.52
N VAL D 54 -1.55 -37.06 -11.22
CA VAL D 54 -0.55 -37.26 -12.28
C VAL D 54 0.54 -36.19 -12.13
N HIS D 55 1.65 -36.33 -12.85
CA HIS D 55 2.81 -35.44 -12.71
C HIS D 55 3.55 -35.23 -14.01
N HIS D 56 3.96 -34.00 -14.19
CA HIS D 56 4.73 -33.55 -15.31
C HIS D 56 5.93 -32.73 -14.76
N PRO D 57 7.18 -33.08 -15.21
CA PRO D 57 8.48 -32.53 -14.80
C PRO D 57 8.95 -31.19 -15.41
N ALA D 58 8.06 -30.47 -16.10
CA ALA D 58 8.31 -29.19 -16.79
C ALA D 58 9.20 -28.23 -16.01
N ASP D 59 10.30 -27.88 -16.62
CA ASP D 59 11.07 -26.68 -16.22
C ASP D 59 10.27 -25.46 -16.72
N LEU D 60 9.79 -24.64 -15.79
CA LEU D 60 8.92 -23.51 -16.09
C LEU D 60 9.60 -22.26 -16.70
N SER D 61 10.94 -22.22 -16.71
CA SER D 61 11.73 -21.19 -17.46
C SER D 61 11.67 -21.45 -19.00
N ASP D 62 11.35 -22.69 -19.36
CA ASP D 62 11.17 -23.08 -20.76
C ASP D 62 9.65 -23.06 -21.06
N VAL D 63 9.26 -22.12 -21.95
CA VAL D 63 7.88 -21.87 -22.35
C VAL D 63 7.15 -23.06 -23.00
N ALA D 64 7.90 -23.86 -23.78
CA ALA D 64 7.40 -25.04 -24.45
C ALA D 64 7.07 -26.13 -23.43
N GLN D 65 7.83 -26.16 -22.37
CA GLN D 65 7.60 -27.12 -21.29
C GLN D 65 6.36 -26.77 -20.52
N ILE D 66 6.10 -25.47 -20.40
CA ILE D 66 4.89 -25.01 -19.77
C ILE D 66 3.67 -25.50 -20.56
N GLU D 67 3.65 -25.20 -21.85
CA GLU D 67 2.73 -25.89 -22.78
C GLU D 67 2.56 -27.45 -22.65
N ALA D 68 3.67 -28.17 -22.55
CA ALA D 68 3.60 -29.64 -22.34
C ALA D 68 2.89 -29.98 -21.01
N LEU D 69 3.04 -29.12 -20.01
CA LEU D 69 2.44 -29.41 -18.71
C LEU D 69 0.91 -29.27 -18.78
N PHE D 70 0.47 -28.24 -19.49
CA PHE D 70 -0.95 -27.89 -19.63
C PHE D 70 -1.60 -28.81 -20.61
N ALA D 71 -0.91 -29.15 -21.69
CA ALA D 71 -1.32 -30.31 -22.56
C ALA D 71 -1.60 -31.62 -21.79
N LEU D 72 -0.70 -31.98 -20.86
CA LEU D 72 -0.85 -33.20 -20.05
C LEU D 72 -2.08 -33.14 -19.12
N ALA D 73 -2.39 -31.97 -18.57
CA ALA D 73 -3.57 -31.79 -17.73
C ALA D 73 -4.89 -31.96 -18.54
N GLU D 74 -4.95 -31.33 -19.71
CA GLU D 74 -6.12 -31.38 -20.58
C GLU D 74 -6.35 -32.81 -21.18
N ARG D 75 -5.28 -33.45 -21.65
CA ARG D 75 -5.40 -34.87 -22.03
C ARG D 75 -5.76 -35.77 -20.84
N GLU D 76 -5.25 -35.48 -19.64
CA GLU D 76 -5.53 -36.36 -18.50
C GLU D 76 -6.93 -36.16 -17.87
N PHE D 77 -7.35 -34.90 -17.72
CA PHE D 77 -8.58 -34.49 -16.96
C PHE D 77 -9.59 -33.55 -17.67
N GLY D 78 -9.24 -33.01 -18.84
CA GLY D 78 -10.14 -32.20 -19.64
C GLY D 78 -9.94 -30.72 -19.41
N GLY D 79 -9.06 -30.38 -18.47
CA GLY D 79 -8.74 -28.97 -18.28
C GLY D 79 -8.33 -28.66 -16.86
N VAL D 80 -7.79 -27.48 -16.65
CA VAL D 80 -7.53 -26.96 -15.33
C VAL D 80 -8.67 -26.07 -14.86
N ASP D 81 -9.28 -26.46 -13.75
CA ASP D 81 -10.25 -25.61 -13.06
C ASP D 81 -9.56 -24.61 -12.10
N ILE D 82 -8.59 -25.12 -11.34
CA ILE D 82 -7.85 -24.38 -10.32
C ILE D 82 -6.35 -24.41 -10.65
N LEU D 83 -5.79 -23.23 -10.86
CA LEU D 83 -4.39 -23.11 -11.15
C LEU D 83 -3.73 -22.43 -9.97
N VAL D 84 -2.73 -23.09 -9.38
CA VAL D 84 -1.87 -22.50 -8.35
C VAL D 84 -0.47 -22.34 -8.91
N ASN D 85 -0.07 -21.07 -9.11
CA ASN D 85 1.20 -20.75 -9.69
C ASN D 85 2.12 -20.59 -8.49
N ASN D 86 2.93 -21.63 -8.28
CA ASN D 86 3.65 -21.73 -7.03
C ASN D 86 5.19 -21.76 -7.14
N ALA D 87 5.72 -22.47 -8.14
CA ALA D 87 7.14 -22.72 -8.16
C ALA D 87 7.92 -21.39 -8.09
N GLY D 88 9.08 -21.45 -7.48
CA GLY D 88 9.83 -20.24 -7.24
C GLY D 88 11.25 -20.66 -7.15
N ILE D 89 12.16 -19.70 -7.29
CA ILE D 89 13.58 -19.96 -7.03
C ILE D 89 14.17 -18.66 -6.60
N GLN D 90 15.27 -18.77 -5.87
CA GLN D 90 15.89 -17.67 -5.18
C GLN D 90 17.35 -17.54 -5.55
N HIS D 91 17.90 -16.33 -5.41
CA HIS D 91 19.35 -16.14 -5.27
C HIS D 91 19.67 -14.87 -4.44
N VAL D 92 20.70 -14.89 -3.60
CA VAL D 92 21.00 -13.71 -2.78
C VAL D 92 22.39 -13.11 -3.15
N ALA D 93 22.40 -11.85 -3.62
CA ALA D 93 23.63 -11.12 -3.91
C ALA D 93 23.32 -9.62 -3.85
N PRO D 94 24.30 -8.75 -3.49
CA PRO D 94 24.02 -7.30 -3.74
C PRO D 94 23.72 -7.07 -5.22
N VAL D 95 22.84 -6.09 -5.52
CA VAL D 95 22.36 -5.80 -6.87
C VAL D 95 23.50 -5.71 -7.91
N GLU D 96 24.61 -5.01 -7.57
CA GLU D 96 25.72 -4.81 -8.52
C GLU D 96 26.68 -6.04 -8.67
N GLN D 97 26.45 -7.06 -7.85
CA GLN D 97 27.18 -8.33 -7.87
C GLN D 97 26.24 -9.50 -8.26
N PHE D 98 24.99 -9.19 -8.65
CA PHE D 98 23.93 -10.17 -8.95
C PHE D 98 24.16 -10.76 -10.34
N PRO D 99 24.27 -12.12 -10.47
CA PRO D 99 24.64 -12.74 -11.74
C PRO D 99 23.53 -12.58 -12.80
N LEU D 100 23.90 -12.28 -14.04
CA LEU D 100 22.94 -11.80 -15.03
C LEU D 100 22.07 -12.95 -15.42
N GLU D 101 22.64 -14.15 -15.46
CA GLU D 101 21.86 -15.35 -15.80
C GLU D 101 20.89 -15.64 -14.69
N SER D 102 21.30 -15.30 -13.49
CA SER D 102 20.47 -15.51 -12.31
C SER D 102 19.26 -14.52 -12.24
N TRP D 103 19.50 -13.22 -12.50
CA TRP D 103 18.41 -12.30 -12.75
C TRP D 103 17.38 -12.86 -13.77
N ASP D 104 17.89 -13.30 -14.91
CA ASP D 104 17.03 -13.81 -16.03
C ASP D 104 16.21 -15.02 -15.69
N LYS D 105 16.78 -15.98 -14.96
CA LYS D 105 16.07 -17.23 -14.52
C LYS D 105 15.03 -16.99 -13.42
N ILE D 106 15.42 -16.28 -12.38
CA ILE D 106 14.43 -15.77 -11.41
C ILE D 106 13.24 -15.01 -12.08
N ILE D 107 13.52 -14.11 -13.02
CA ILE D 107 12.44 -13.43 -13.72
C ILE D 107 11.56 -14.42 -14.51
N ALA D 108 12.22 -15.30 -15.28
CA ALA D 108 11.55 -16.37 -16.04
C ALA D 108 10.71 -17.34 -15.15
N LEU D 109 11.25 -17.79 -14.05
CA LEU D 109 10.57 -18.80 -13.23
C LEU D 109 9.51 -18.14 -12.32
N ASN D 110 9.90 -17.07 -11.60
CA ASN D 110 8.99 -16.42 -10.65
C ASN D 110 7.94 -15.47 -11.26
N LEU D 111 8.26 -14.85 -12.39
CA LEU D 111 7.35 -13.89 -12.98
C LEU D 111 6.68 -14.37 -14.26
N SER D 112 7.49 -14.64 -15.30
CA SER D 112 6.99 -14.90 -16.64
C SER D 112 6.26 -16.25 -16.71
N ALA D 113 6.74 -17.25 -15.96
CA ALA D 113 5.97 -18.51 -15.80
C ALA D 113 4.51 -18.33 -15.35
N VAL D 114 4.25 -17.34 -14.47
CA VAL D 114 2.93 -17.06 -13.97
C VAL D 114 2.04 -16.59 -15.10
N PHE D 115 2.57 -15.69 -15.93
CA PHE D 115 1.85 -15.15 -17.05
C PHE D 115 1.56 -16.28 -18.05
N HIS D 116 2.54 -17.17 -18.26
CA HIS D 116 2.31 -18.27 -19.23
C HIS D 116 1.24 -19.23 -18.72
N GLY D 117 1.41 -19.72 -17.47
CA GLY D 117 0.39 -20.54 -16.82
C GLY D 117 -1.01 -19.94 -16.90
N THR D 118 -1.14 -18.66 -16.48
CA THR D 118 -2.44 -17.89 -16.61
C THR D 118 -3.05 -17.91 -18.03
N ARG D 119 -2.26 -17.54 -19.01
CA ARG D 119 -2.75 -17.40 -20.35
C ARG D 119 -3.10 -18.77 -20.95
N LEU D 120 -2.46 -19.84 -20.49
CA LEU D 120 -2.90 -21.20 -20.92
C LEU D 120 -4.17 -21.73 -20.18
N ALA D 121 -4.41 -21.29 -18.95
CA ALA D 121 -5.57 -21.85 -18.25
C ALA D 121 -6.86 -21.05 -18.45
N LEU D 122 -6.71 -19.73 -18.65
CA LEU D 122 -7.83 -18.79 -18.64
C LEU D 122 -9.00 -19.16 -19.60
N PRO D 123 -8.71 -19.36 -20.91
CA PRO D 123 -9.76 -19.61 -21.91
C PRO D 123 -10.71 -20.79 -21.54
N GLY D 124 -10.15 -21.90 -21.06
CA GLY D 124 -10.89 -23.05 -20.54
C GLY D 124 -11.73 -22.75 -19.29
N MET D 125 -11.17 -22.00 -18.33
CA MET D 125 -11.95 -21.52 -17.17
C MET D 125 -13.07 -20.56 -17.61
N ARG D 126 -12.77 -19.69 -18.55
CA ARG D 126 -13.84 -18.90 -19.13
C ARG D 126 -14.90 -19.78 -19.81
N ALA D 127 -14.50 -20.74 -20.68
CA ALA D 127 -15.50 -21.52 -21.36
C ALA D 127 -16.38 -22.32 -20.37
N ARG D 128 -15.82 -22.71 -19.22
CA ARG D 128 -16.54 -23.61 -18.33
C ARG D 128 -17.29 -22.74 -17.32
N ASN D 129 -17.12 -21.43 -17.49
CA ASN D 129 -17.81 -20.40 -16.68
C ASN D 129 -17.49 -20.53 -15.17
N TRP D 130 -16.22 -20.83 -14.86
CA TRP D 130 -15.74 -21.03 -13.50
C TRP D 130 -14.24 -21.22 -13.47
N GLY D 131 -13.58 -20.63 -12.50
CA GLY D 131 -12.11 -20.77 -12.41
C GLY D 131 -11.50 -20.07 -11.20
N ARG D 132 -10.36 -20.57 -10.75
CA ARG D 132 -9.61 -19.98 -9.68
C ARG D 132 -8.15 -20.02 -10.14
N ILE D 133 -7.52 -18.86 -10.11
CA ILE D 133 -6.11 -18.80 -10.33
C ILE D 133 -5.53 -18.18 -9.09
N ILE D 134 -4.56 -18.88 -8.48
CA ILE D 134 -3.94 -18.37 -7.28
C ILE D 134 -2.44 -18.35 -7.44
N ASN D 135 -1.89 -17.17 -7.35
CA ASN D 135 -0.47 -17.05 -7.45
C ASN D 135 0.15 -17.07 -6.07
N ILE D 136 0.99 -18.04 -5.80
CA ILE D 136 1.82 -17.91 -4.56
C ILE D 136 2.97 -16.91 -4.78
N ALA D 137 2.81 -15.74 -4.19
CA ALA D 137 3.77 -14.74 -4.36
C ALA D 137 4.71 -14.76 -3.12
N SER D 138 4.71 -13.67 -2.37
CA SER D 138 5.60 -13.48 -1.24
C SER D 138 5.31 -12.16 -0.52
N VAL D 139 5.72 -12.05 0.76
CA VAL D 139 5.81 -10.74 1.37
C VAL D 139 6.70 -9.84 0.51
N HIS D 140 7.60 -10.48 -0.25
CA HIS D 140 8.52 -9.80 -1.21
C HIS D 140 7.86 -9.35 -2.50
N GLY D 141 6.57 -9.61 -2.61
CA GLY D 141 5.79 -8.94 -3.64
C GLY D 141 5.24 -7.63 -3.11
N LEU D 142 5.52 -7.34 -1.84
CA LEU D 142 5.00 -6.13 -1.16
C LEU D 142 6.08 -5.28 -0.55
N VAL D 143 7.15 -5.90 -0.08
CA VAL D 143 8.23 -5.10 0.49
C VAL D 143 9.56 -5.62 -0.07
N GLY D 144 10.64 -4.85 0.20
CA GLY D 144 11.96 -5.27 -0.24
C GLY D 144 12.73 -5.94 0.89
N SER D 145 13.81 -6.65 0.51
CA SER D 145 14.90 -7.04 1.44
C SER D 145 16.22 -6.86 0.71
N THR D 146 17.32 -6.65 1.46
CA THR D 146 18.63 -6.54 0.87
C THR D 146 19.01 -7.94 0.26
N GLY D 147 19.77 -7.96 -0.86
CA GLY D 147 20.24 -9.21 -1.52
C GLY D 147 19.25 -9.85 -2.51
N LYS D 148 18.03 -9.34 -2.58
CA LYS D 148 16.98 -10.11 -3.24
C LYS D 148 16.37 -9.37 -4.41
N ALA D 149 17.25 -8.69 -5.20
CA ALA D 149 16.80 -7.79 -6.28
C ALA D 149 15.78 -8.49 -7.21
N ALA D 150 16.21 -9.61 -7.83
CA ALA D 150 15.46 -10.29 -8.87
C ALA D 150 14.17 -10.92 -8.30
N TYR D 151 14.28 -11.51 -7.11
CA TYR D 151 13.08 -12.14 -6.45
C TYR D 151 11.97 -11.12 -6.07
N VAL D 152 12.34 -10.07 -5.36
CA VAL D 152 11.43 -8.97 -5.00
C VAL D 152 10.83 -8.36 -6.27
N ALA D 153 11.66 -8.19 -7.32
CA ALA D 153 11.20 -7.65 -8.58
C ALA D 153 10.16 -8.56 -9.24
N ALA D 154 10.46 -9.88 -9.39
CA ALA D 154 9.48 -10.91 -9.85
C ALA D 154 8.18 -10.97 -9.02
N LYS D 155 8.33 -11.18 -7.72
CA LYS D 155 7.17 -11.26 -6.82
C LYS D 155 6.33 -9.97 -6.81
N HIS D 156 6.95 -8.77 -6.79
CA HIS D 156 6.18 -7.56 -7.08
C HIS D 156 5.42 -7.64 -8.43
N GLY D 157 6.10 -8.02 -9.52
CA GLY D 157 5.39 -8.27 -10.82
C GLY D 157 4.17 -9.18 -10.78
N VAL D 158 4.30 -10.31 -10.09
CA VAL D 158 3.19 -11.25 -9.74
C VAL D 158 1.99 -10.57 -9.08
N VAL D 159 2.27 -9.80 -8.03
CA VAL D 159 1.24 -8.96 -7.35
C VAL D 159 0.57 -8.06 -8.40
N GLY D 160 1.34 -7.42 -9.27
CA GLY D 160 0.72 -6.54 -10.22
C GLY D 160 -0.04 -7.27 -11.31
N LEU D 161 0.55 -8.34 -11.82
CA LEU D 161 -0.10 -9.18 -12.82
C LEU D 161 -1.40 -9.74 -12.23
N THR D 162 -1.38 -10.06 -10.95
CA THR D 162 -2.59 -10.53 -10.26
C THR D 162 -3.73 -9.54 -10.28
N LYS D 163 -3.41 -8.25 -10.04
CA LYS D 163 -4.42 -7.20 -10.20
C LYS D 163 -4.99 -7.12 -11.60
N VAL D 164 -4.13 -7.05 -12.62
CA VAL D 164 -4.59 -7.04 -13.98
C VAL D 164 -5.54 -8.22 -14.25
N VAL D 165 -5.09 -9.43 -13.89
CA VAL D 165 -5.91 -10.61 -14.26
C VAL D 165 -7.23 -10.63 -13.43
N GLY D 166 -7.20 -10.20 -12.15
CA GLY D 166 -8.46 -10.10 -11.33
C GLY D 166 -9.43 -9.07 -11.92
N LEU D 167 -8.88 -7.97 -12.47
CA LEU D 167 -9.71 -6.99 -13.18
C LEU D 167 -10.31 -7.51 -14.48
N GLU D 168 -9.50 -8.18 -15.30
CA GLU D 168 -9.99 -8.65 -16.56
C GLU D 168 -11.06 -9.77 -16.37
N THR D 169 -11.06 -10.49 -15.24
CA THR D 169 -12.03 -11.58 -15.10
C THR D 169 -13.10 -11.15 -14.12
N ALA D 170 -13.05 -9.86 -13.67
CA ALA D 170 -14.02 -9.32 -12.67
C ALA D 170 -15.50 -9.65 -12.92
N THR D 171 -15.95 -9.50 -14.17
CA THR D 171 -17.33 -9.86 -14.52
C THR D 171 -17.61 -11.37 -14.83
N SER D 172 -16.71 -12.30 -14.40
CA SER D 172 -16.93 -13.73 -14.64
C SER D 172 -16.94 -14.45 -13.29
N ASN D 173 -17.26 -15.73 -13.31
CA ASN D 173 -16.95 -16.64 -12.21
C ASN D 173 -15.49 -17.08 -12.12
N VAL D 174 -14.57 -16.40 -12.82
CA VAL D 174 -13.15 -16.69 -12.68
C VAL D 174 -12.54 -15.59 -11.84
N THR D 175 -11.85 -16.01 -10.78
CA THR D 175 -11.09 -15.10 -10.02
C THR D 175 -9.57 -15.40 -10.12
N CYS D 176 -8.82 -14.34 -9.90
CA CYS D 176 -7.37 -14.37 -9.76
C CYS D 176 -6.94 -13.57 -8.52
N ASN D 177 -6.20 -14.22 -7.59
CA ASN D 177 -5.64 -13.60 -6.40
C ASN D 177 -4.19 -14.09 -6.12
N ALA D 178 -3.52 -13.42 -5.22
CA ALA D 178 -2.20 -13.86 -4.79
C ALA D 178 -2.24 -14.11 -3.30
N ILE D 179 -1.36 -15.00 -2.84
CA ILE D 179 -1.09 -15.21 -1.47
C ILE D 179 0.35 -14.89 -1.25
N CYS D 180 0.62 -14.10 -0.23
CA CYS D 180 1.93 -13.56 0.07
C CYS D 180 2.47 -14.12 1.42
N PRO D 181 3.14 -15.28 1.38
CA PRO D 181 3.75 -15.83 2.63
C PRO D 181 5.03 -15.14 3.12
N GLY D 182 5.22 -15.05 4.46
CA GLY D 182 6.55 -14.80 5.01
C GLY D 182 7.37 -16.06 5.06
N TRP D 183 8.03 -16.31 6.17
CA TRP D 183 8.81 -17.52 6.34
C TRP D 183 7.93 -18.78 6.49
N VAL D 184 8.23 -19.74 5.62
CA VAL D 184 7.53 -21.02 5.52
C VAL D 184 8.55 -22.12 5.74
N LEU D 185 8.21 -23.08 6.60
CA LEU D 185 8.95 -24.30 6.72
C LEU D 185 8.90 -25.14 5.44
N THR D 186 9.95 -24.99 4.63
CA THR D 186 10.14 -25.79 3.44
C THR D 186 11.17 -26.87 3.74
N PRO D 187 11.21 -27.94 2.90
CA PRO D 187 12.30 -28.90 2.95
C PRO D 187 13.71 -28.22 2.87
N LEU D 188 13.70 -27.05 2.11
CA LEU D 188 14.97 -26.31 1.93
C LEU D 188 15.33 -25.50 3.19
N VAL D 189 14.32 -24.98 3.88
CA VAL D 189 14.49 -24.31 5.19
C VAL D 189 14.89 -25.32 6.29
N GLN D 190 14.15 -26.42 6.42
CA GLN D 190 14.50 -27.55 7.30
C GLN D 190 15.96 -28.03 7.17
N LYS D 191 16.44 -28.07 5.92
CA LYS D 191 17.82 -28.43 5.64
C LYS D 191 18.74 -27.35 6.16
N GLN D 192 18.36 -26.09 5.93
CA GLN D 192 19.03 -24.93 6.55
C GLN D 192 19.13 -25.11 8.05
N ILE D 193 17.99 -25.40 8.70
CA ILE D 193 17.95 -25.56 10.15
C ILE D 193 19.08 -26.49 10.62
N ASP D 194 19.02 -27.78 10.23
CA ASP D 194 20.02 -28.79 10.71
C ASP D 194 21.52 -28.37 10.63
N ASP D 202 20.72 -26.01 19.38
CA ASP D 202 19.31 -26.65 19.40
C ASP D 202 18.72 -26.08 18.03
N PRO D 203 17.77 -26.84 17.32
CA PRO D 203 17.09 -26.39 16.07
C PRO D 203 16.16 -25.18 16.30
N LEU D 204 15.77 -24.97 17.56
CA LEU D 204 14.90 -23.84 17.96
C LEU D 204 15.60 -22.48 17.82
N GLN D 205 16.86 -22.43 18.26
CA GLN D 205 17.67 -21.22 18.20
C GLN D 205 17.98 -20.92 16.73
N ALA D 206 18.17 -21.97 15.95
CA ALA D 206 18.27 -21.83 14.46
C ALA D 206 17.02 -21.15 13.91
N GLN D 207 15.86 -21.69 14.27
CA GLN D 207 14.59 -21.16 13.77
C GLN D 207 14.47 -19.67 14.11
N HIS D 208 14.74 -19.30 15.36
CA HIS D 208 14.69 -17.88 15.80
C HIS D 208 15.73 -16.97 15.14
N ASP D 209 16.98 -17.45 15.01
CA ASP D 209 18.01 -16.72 14.25
C ASP D 209 17.48 -16.36 12.89
N LEU D 210 16.91 -17.37 12.20
CA LEU D 210 16.30 -17.17 10.86
C LEU D 210 15.12 -16.14 10.83
N LEU D 211 14.19 -16.21 11.79
CA LEU D 211 12.94 -15.42 11.76
C LEU D 211 12.92 -14.07 12.52
N ALA D 212 13.76 -13.94 13.56
CA ALA D 212 13.77 -12.76 14.48
C ALA D 212 13.70 -11.37 13.81
N GLU D 213 14.49 -11.17 12.77
CA GLU D 213 14.53 -9.85 12.18
C GLU D 213 13.17 -9.54 11.50
N LYS D 214 12.66 -10.48 10.71
CA LYS D 214 11.57 -10.14 9.76
C LYS D 214 10.18 -10.55 10.18
N GLN D 215 10.08 -11.64 10.97
CA GLN D 215 8.81 -12.27 11.25
C GLN D 215 8.45 -12.20 12.73
N PRO D 216 7.71 -11.17 13.14
CA PRO D 216 7.50 -10.99 14.59
C PRO D 216 6.98 -12.17 15.41
N SER D 217 6.28 -13.12 14.80
CA SER D 217 5.70 -14.23 15.60
C SER D 217 6.73 -15.29 16.00
N LEU D 218 7.91 -15.24 15.34
CA LEU D 218 9.01 -16.20 15.52
C LEU D 218 8.56 -17.63 15.29
N ALA D 219 7.48 -17.77 14.53
CA ALA D 219 6.89 -19.07 14.22
C ALA D 219 6.64 -19.12 12.70
N PHE D 220 6.88 -20.30 12.11
CA PHE D 220 6.78 -20.47 10.66
C PHE D 220 5.33 -20.50 10.25
N VAL D 221 5.08 -20.03 9.05
CA VAL D 221 3.88 -20.40 8.27
C VAL D 221 4.07 -21.82 7.71
N THR D 222 3.01 -22.63 7.68
CA THR D 222 3.09 -23.99 7.08
C THR D 222 2.40 -24.09 5.72
N PRO D 223 2.88 -25.01 4.82
CA PRO D 223 2.29 -25.29 3.53
C PRO D 223 0.84 -25.71 3.73
N GLU D 224 0.55 -26.47 4.82
CA GLU D 224 -0.87 -26.75 5.12
C GLU D 224 -1.71 -25.48 5.47
N HIS D 225 -1.18 -24.48 6.22
CA HIS D 225 -1.91 -23.16 6.39
C HIS D 225 -2.24 -22.60 5.01
N LEU D 226 -1.25 -22.71 4.12
CA LEU D 226 -1.38 -22.08 2.83
C LEU D 226 -2.40 -22.81 1.97
N GLY D 227 -2.38 -24.15 2.01
CA GLY D 227 -3.40 -25.02 1.37
C GLY D 227 -4.79 -24.66 1.83
N GLU D 228 -4.94 -24.44 3.12
CA GLU D 228 -6.27 -24.07 3.63
C GLU D 228 -6.80 -22.74 3.09
N LEU D 229 -5.91 -21.74 2.94
CA LEU D 229 -6.26 -20.50 2.30
C LEU D 229 -6.64 -20.64 0.83
N VAL D 230 -5.82 -21.41 0.11
CA VAL D 230 -6.11 -21.71 -1.27
C VAL D 230 -7.50 -22.32 -1.36
N LEU D 231 -7.77 -23.31 -0.50
CA LEU D 231 -9.09 -23.93 -0.41
C LEU D 231 -10.18 -22.89 -0.15
N PHE D 232 -9.91 -21.97 0.79
CA PHE D 232 -10.91 -20.95 1.08
C PHE D 232 -11.23 -20.14 -0.20
N LEU D 233 -10.19 -19.72 -0.88
CA LEU D 233 -10.28 -18.92 -2.07
C LEU D 233 -11.01 -19.60 -3.20
N CYS D 234 -11.00 -20.98 -3.27
CA CYS D 234 -11.74 -21.71 -4.30
C CYS D 234 -13.21 -21.85 -3.94
N SER D 235 -13.54 -21.58 -2.68
CA SER D 235 -14.93 -21.74 -2.20
C SER D 235 -15.77 -20.52 -2.68
N GLU D 236 -17.09 -20.66 -2.49
CA GLU D 236 -18.13 -19.68 -2.78
C GLU D 236 -17.85 -18.33 -2.10
N ALA D 237 -17.30 -18.38 -0.88
CA ALA D 237 -16.94 -17.21 -0.08
C ALA D 237 -15.78 -16.44 -0.66
N GLY D 238 -14.99 -17.10 -1.52
CA GLY D 238 -13.99 -16.35 -2.29
C GLY D 238 -14.41 -15.87 -3.64
N SER D 239 -15.73 -16.01 -3.96
CA SER D 239 -16.25 -15.55 -5.29
C SER D 239 -16.03 -14.05 -5.66
N GLN D 240 -16.04 -13.13 -4.67
CA GLN D 240 -15.83 -11.71 -4.91
C GLN D 240 -14.48 -11.20 -4.33
N VAL D 241 -13.62 -12.11 -3.93
CA VAL D 241 -12.22 -11.80 -3.72
C VAL D 241 -11.59 -11.74 -5.10
N ARG D 242 -11.14 -10.55 -5.54
CA ARG D 242 -10.54 -10.43 -6.89
C ARG D 242 -9.39 -9.45 -6.99
N GLY D 243 -8.28 -9.90 -7.56
CA GLY D 243 -7.08 -9.10 -7.74
C GLY D 243 -6.41 -8.72 -6.42
N ALA D 244 -6.51 -9.60 -5.42
CA ALA D 244 -6.12 -9.26 -4.09
C ALA D 244 -4.78 -9.94 -3.79
N ALA D 245 -4.06 -9.47 -2.78
CA ALA D 245 -2.76 -10.14 -2.41
C ALA D 245 -2.81 -10.26 -0.91
N TRP D 246 -3.23 -11.42 -0.41
CA TRP D 246 -3.44 -11.60 0.99
C TRP D 246 -2.18 -12.18 1.64
N ASN D 247 -1.62 -11.45 2.58
CA ASN D 247 -0.39 -11.85 3.23
C ASN D 247 -0.60 -12.79 4.42
N VAL D 248 0.13 -13.92 4.39
CA VAL D 248 0.23 -14.76 5.55
C VAL D 248 1.71 -14.80 6.04
N ASP D 249 2.00 -14.13 7.14
CA ASP D 249 3.37 -13.74 7.38
C ASP D 249 3.85 -13.51 8.79
N GLY D 250 3.07 -13.91 9.80
CA GLY D 250 3.49 -13.81 11.19
C GLY D 250 3.76 -12.37 11.63
N GLY D 251 3.14 -11.40 10.92
CA GLY D 251 3.30 -9.97 11.20
C GLY D 251 4.37 -9.25 10.40
N TRP D 252 5.04 -9.93 9.46
CA TRP D 252 6.03 -9.25 8.54
C TRP D 252 5.64 -7.85 7.99
N LEU D 253 4.53 -7.79 7.25
CA LEU D 253 3.99 -6.53 6.70
C LEU D 253 3.38 -5.46 7.66
N ALA D 254 3.04 -5.85 8.89
CA ALA D 254 2.35 -4.98 9.86
C ALA D 254 3.29 -3.91 10.46
N GLN D 255 4.59 -4.17 10.28
CA GLN D 255 5.63 -3.26 10.69
C GLN D 255 6.39 -2.67 9.52
#